data_4XZ5
#
_entry.id   4XZ5
#
_cell.length_a   127.059
_cell.length_b   102.228
_cell.length_c   105.021
_cell.angle_alpha   90.000
_cell.angle_beta   127.260
_cell.angle_gamma   90.000
#
_symmetry.space_group_name_H-M   'C 1 2 1'
#
loop_
_entity.id
_entity.type
_entity.pdbx_description
1 polymer 'Carbonic anhydrase, alpha family'
2 non-polymer 'ZINC ION'
3 non-polymer 'BICARBONATE ION'
4 water water
#
_entity_poly.entity_id   1
_entity_poly.type   'polypeptide(L)'
_entity_poly.pdbx_seq_one_letter_code
;PPHWGYFGEEGPQYWGELAPEFSTCKTGKNQSPINLKPQTAVGTTSLPGFDVYYRETALKLINNGHTLQVNIPLGSYIKI
NGHRYELLQYHFHTPSEHQRDGFNYPMEMHLVHKDGDGNLAVIAILFQEGEENETLAKLMSFLPQTLKKQEIHESVKIHP
AKFFPADKKFYKYSGSLTTPPCSEGVYWMVFKQPIQASVTQLEKMHEYLGSNARPVQRQNARTLLKSWPDRNA
;
_entity_poly.pdbx_strand_id   A,B,C,D
#
loop_
_chem_comp.id
_chem_comp.type
_chem_comp.name
_chem_comp.formula
BCT non-polymer 'BICARBONATE ION' 'C H O3 -1'
ZN non-polymer 'ZINC ION' 'Zn 2'
#
# COMPACT_ATOMS: atom_id res chain seq x y z
N PRO A 1 -8.23 25.10 -7.89
CA PRO A 1 -6.78 25.21 -7.67
C PRO A 1 -6.25 26.53 -8.22
N PRO A 2 -5.74 27.40 -7.34
CA PRO A 2 -5.40 28.76 -7.78
C PRO A 2 -4.21 28.79 -8.72
N HIS A 3 -4.13 29.87 -9.50
CA HIS A 3 -3.03 30.09 -10.41
C HIS A 3 -1.77 30.41 -9.61
N TRP A 4 -0.64 29.86 -10.04
CA TRP A 4 0.65 30.18 -9.43
C TRP A 4 1.67 30.43 -10.53
N GLY A 5 2.74 31.14 -10.20
CA GLY A 5 3.77 31.46 -11.18
C GLY A 5 5.10 31.77 -10.50
N TYR A 6 5.96 32.48 -11.21
CA TYR A 6 7.31 32.77 -10.72
C TYR A 6 7.59 34.25 -10.48
N PHE A 7 6.57 35.09 -10.65
CA PHE A 7 6.70 36.53 -10.39
C PHE A 7 5.47 37.13 -9.73
N GLY A 8 5.68 38.21 -9.01
CA GLY A 8 4.60 38.97 -8.42
C GLY A 8 4.02 38.32 -7.19
N GLU A 9 2.73 38.56 -7.01
CA GLU A 9 1.93 38.03 -5.90
C GLU A 9 1.72 36.52 -5.99
N GLU A 10 1.83 35.98 -7.20
CA GLU A 10 1.78 34.54 -7.45
C GLU A 10 3.10 33.78 -7.26
N GLY A 11 4.19 34.54 -7.20
CA GLY A 11 5.54 33.99 -7.08
C GLY A 11 5.82 33.09 -5.88
N PRO A 12 7.00 32.45 -5.87
CA PRO A 12 7.43 31.43 -4.91
C PRO A 12 7.32 31.85 -3.43
N GLN A 13 7.60 33.10 -3.12
CA GLN A 13 7.47 33.57 -1.76
C GLN A 13 6.04 33.49 -1.23
N TYR A 14 5.07 33.59 -2.14
CA TYR A 14 3.65 33.60 -1.75
C TYR A 14 2.91 32.28 -1.96
N TRP A 15 3.59 31.28 -2.53
CA TRP A 15 2.99 29.97 -2.83
C TRP A 15 2.22 29.39 -1.68
N GLY A 16 2.84 29.37 -0.51
CA GLY A 16 2.24 28.77 0.67
C GLY A 16 1.01 29.50 1.17
N GLU A 17 0.84 30.74 0.72
CA GLU A 17 -0.25 31.61 1.13
C GLU A 17 -1.40 31.63 0.10
N LEU A 18 -1.22 30.98 -1.04
CA LEU A 18 -2.21 31.07 -2.13
C LEU A 18 -3.45 30.18 -1.90
N ALA A 19 -3.30 29.09 -1.15
CA ALA A 19 -4.39 28.15 -0.88
C ALA A 19 -3.94 27.11 0.13
N PRO A 20 -4.90 26.57 0.92
CA PRO A 20 -4.63 25.52 1.89
C PRO A 20 -3.81 24.35 1.37
N GLU A 21 -4.08 23.89 0.15
CA GLU A 21 -3.37 22.71 -0.39
C GLU A 21 -1.91 23.02 -0.73
N PHE A 22 -1.55 24.31 -0.80
CA PHE A 22 -0.17 24.70 -1.09
C PHE A 22 0.71 24.97 0.13
N SER A 23 0.14 24.85 1.33
CA SER A 23 0.79 25.30 2.57
C SER A 23 2.20 24.74 2.87
N THR A 24 2.50 23.54 2.36
CA THR A 24 3.79 22.90 2.60
C THR A 24 4.95 23.68 2.00
N CYS A 25 4.65 24.44 0.94
CA CYS A 25 5.62 25.32 0.30
C CYS A 25 6.20 26.29 1.34
N LYS A 26 5.36 26.69 2.29
CA LYS A 26 5.76 27.58 3.36
C LYS A 26 6.10 26.88 4.70
N THR A 27 5.55 25.70 4.95
CA THR A 27 5.74 25.09 6.28
C THR A 27 6.68 23.91 6.28
N GLY A 28 7.09 23.48 5.10
CA GLY A 28 7.93 22.29 4.97
C GLY A 28 9.34 22.56 5.46
N LYS A 29 9.96 21.53 6.02
CA LYS A 29 11.34 21.62 6.50
C LYS A 29 12.29 20.80 5.62
N ASN A 30 11.75 20.15 4.60
CA ASN A 30 12.55 19.34 3.68
C ASN A 30 12.25 19.68 2.21
N GLN A 31 12.48 20.93 1.85
CA GLN A 31 12.07 21.43 0.54
C GLN A 31 13.18 21.41 -0.51
N SER A 32 12.77 21.41 -1.78
CA SER A 32 13.72 21.50 -2.89
C SER A 32 13.46 22.78 -3.72
N PRO A 33 14.49 23.29 -4.40
CA PRO A 33 15.88 22.82 -4.42
C PRO A 33 16.66 23.24 -3.20
N ILE A 34 17.92 22.80 -3.14
CA ILE A 34 18.84 23.19 -2.11
C ILE A 34 20.12 23.71 -2.75
N ASN A 35 20.85 24.55 -2.01
CA ASN A 35 22.21 24.91 -2.38
C ASN A 35 23.14 23.74 -2.08
N LEU A 36 23.77 23.21 -3.13
CA LEU A 36 24.65 22.05 -3.00
C LEU A 36 26.07 22.48 -2.76
N LYS A 37 26.60 22.12 -1.59
CA LYS A 37 27.97 22.45 -1.23
C LYS A 37 28.86 21.20 -1.14
N PRO A 38 29.71 20.97 -2.15
CA PRO A 38 30.53 19.74 -2.23
C PRO A 38 31.41 19.52 -1.01
N GLN A 39 31.91 20.60 -0.41
CA GLN A 39 32.74 20.50 0.79
C GLN A 39 31.93 19.91 1.94
N THR A 40 30.67 20.30 2.01
CA THR A 40 29.76 19.89 3.07
C THR A 40 29.21 18.46 2.86
N ALA A 41 29.20 17.97 1.63
CA ALA A 41 28.59 16.68 1.31
C ALA A 41 29.32 15.48 1.92
N VAL A 42 28.52 14.47 2.28
CA VAL A 42 29.03 13.29 2.99
C VAL A 42 29.23 12.07 2.09
N GLY A 43 30.46 11.58 2.05
CA GLY A 43 30.78 10.36 1.31
C GLY A 43 30.12 9.10 1.86
N THR A 44 29.83 8.17 0.97
CA THR A 44 29.18 6.94 1.37
C THR A 44 29.94 5.75 0.84
N THR A 45 29.65 4.59 1.40
CA THR A 45 30.31 3.35 1.03
C THR A 45 29.32 2.33 0.51
N SER A 46 28.03 2.56 0.69
CA SER A 46 27.04 1.64 0.12
C SER A 46 25.72 2.30 -0.21
N LEU A 47 25.75 3.52 -0.74
CA LEU A 47 24.53 4.18 -1.21
C LEU A 47 24.02 3.41 -2.42
N PRO A 48 22.72 3.11 -2.43
CA PRO A 48 22.21 2.41 -3.60
C PRO A 48 22.38 3.26 -4.87
N GLY A 49 22.81 2.58 -5.93
CA GLY A 49 22.86 3.17 -7.27
C GLY A 49 21.56 2.84 -7.95
N PHE A 50 21.44 3.18 -9.24
CA PHE A 50 20.20 2.86 -9.92
C PHE A 50 20.45 2.31 -11.32
N ASP A 51 19.52 1.48 -11.77
CA ASP A 51 19.59 0.88 -13.08
C ASP A 51 18.51 1.50 -13.93
N VAL A 52 18.85 1.82 -15.16
CA VAL A 52 17.91 2.51 -16.02
C VAL A 52 17.29 1.56 -17.05
N TYR A 53 15.97 1.49 -17.10
CA TYR A 53 15.28 0.65 -18.11
C TYR A 53 14.33 1.51 -18.88
N TYR A 54 14.88 2.36 -19.75
CA TYR A 54 14.04 3.23 -20.56
C TYR A 54 13.93 2.67 -21.95
N ARG A 55 12.73 2.75 -22.50
CA ARG A 55 12.49 2.27 -23.84
C ARG A 55 12.30 3.46 -24.78
N GLU A 56 12.64 3.26 -26.06
CA GLU A 56 12.49 4.31 -27.07
C GLU A 56 11.05 4.51 -27.51
N THR A 57 10.57 5.74 -27.42
CA THR A 57 9.16 6.01 -27.70
C THR A 57 8.97 7.29 -28.45
N ALA A 58 7.83 7.39 -29.12
CA ALA A 58 7.46 8.60 -29.80
C ALA A 58 7.51 9.77 -28.85
N LEU A 59 7.88 10.93 -29.40
CA LEU A 59 7.97 12.14 -28.64
C LEU A 59 6.61 12.79 -28.40
N LYS A 60 6.19 12.83 -27.14
CA LYS A 60 5.01 13.60 -26.70
C LYS A 60 5.48 14.80 -25.85
N LEU A 61 5.03 15.99 -26.23
CA LEU A 61 5.63 17.22 -25.75
C LEU A 61 4.61 18.26 -25.35
N ILE A 62 4.80 18.96 -24.25
CA ILE A 62 3.83 20.00 -23.92
C ILE A 62 4.43 21.20 -23.18
N ASN A 63 4.03 22.40 -23.59
CA ASN A 63 4.29 23.60 -22.81
C ASN A 63 3.09 23.87 -21.92
N ASN A 64 3.16 23.46 -20.65
CA ASN A 64 1.99 23.52 -19.77
C ASN A 64 1.83 24.84 -19.05
N GLY A 65 2.58 25.86 -19.45
CA GLY A 65 2.50 27.14 -18.78
C GLY A 65 3.62 27.36 -17.77
N HIS A 66 4.03 26.30 -17.09
CA HIS A 66 5.11 26.40 -16.10
C HIS A 66 6.46 25.87 -16.60
N THR A 67 6.43 24.98 -17.58
CA THR A 67 7.63 24.35 -18.12
C THR A 67 7.36 23.69 -19.49
N LEU A 68 8.43 23.24 -20.12
CA LEU A 68 8.34 22.36 -21.26
C LEU A 68 8.49 20.92 -20.80
N GLN A 69 7.45 20.12 -21.00
CA GLN A 69 7.40 18.78 -20.46
C GLN A 69 7.27 17.69 -21.53
N VAL A 70 8.12 16.68 -21.45
CA VAL A 70 8.04 15.50 -22.30
C VAL A 70 7.37 14.38 -21.56
N ASN A 71 6.22 13.94 -22.05
CA ASN A 71 5.48 12.89 -21.37
C ASN A 71 5.89 11.51 -21.86
N ILE A 72 6.29 10.66 -20.92
CA ILE A 72 6.73 9.30 -21.23
C ILE A 72 5.60 8.27 -21.03
N PRO A 73 5.37 7.42 -22.05
CA PRO A 73 4.38 6.34 -22.03
C PRO A 73 4.74 5.30 -21.00
N LEU A 74 3.75 4.63 -20.41
CA LEU A 74 4.04 3.62 -19.39
C LEU A 74 4.92 2.57 -20.04
N GLY A 75 5.93 2.10 -19.29
CA GLY A 75 6.86 1.11 -19.80
C GLY A 75 8.33 1.38 -19.51
N SER A 76 8.63 2.59 -19.05
CA SER A 76 9.99 2.93 -18.71
C SER A 76 10.16 3.07 -17.20
N TYR A 77 11.31 2.63 -16.68
CA TYR A 77 11.49 2.65 -15.24
C TYR A 77 12.95 2.63 -14.85
N ILE A 78 13.19 2.97 -13.60
CA ILE A 78 14.49 2.72 -13.01
C ILE A 78 14.30 1.76 -11.85
N LYS A 79 15.42 1.18 -11.42
CA LYS A 79 15.44 0.36 -10.23
C LYS A 79 16.51 0.88 -9.32
N ILE A 80 16.07 1.39 -8.17
CA ILE A 80 17.00 1.78 -7.13
C ILE A 80 17.09 0.63 -6.14
N ASN A 81 18.20 -0.08 -6.21
CA ASN A 81 18.42 -1.24 -5.35
C ASN A 81 17.28 -2.27 -5.47
N GLY A 82 16.79 -2.51 -6.68
CA GLY A 82 15.72 -3.47 -6.86
C GLY A 82 14.33 -2.92 -6.66
N HIS A 83 14.23 -1.70 -6.13
CA HIS A 83 12.95 -1.02 -5.99
C HIS A 83 12.64 -0.22 -7.26
N ARG A 84 11.47 -0.44 -7.82
CA ARG A 84 11.16 0.04 -9.17
C ARG A 84 10.29 1.28 -9.21
N TYR A 85 10.72 2.30 -9.96
CA TYR A 85 9.93 3.54 -10.16
C TYR A 85 9.69 3.78 -11.67
N GLU A 86 8.48 4.13 -12.06
CA GLU A 86 8.17 4.35 -13.48
C GLU A 86 8.51 5.75 -13.90
N LEU A 87 9.20 5.89 -15.04
CA LEU A 87 9.41 7.20 -15.61
C LEU A 87 8.06 7.79 -16.09
N LEU A 88 7.69 8.97 -15.58
CA LEU A 88 6.45 9.64 -16.01
C LEU A 88 6.71 10.76 -17.02
N GLN A 89 7.77 11.54 -16.81
CA GLN A 89 8.03 12.72 -17.61
C GLN A 89 9.36 13.37 -17.31
N TYR A 90 9.81 14.21 -18.22
CA TYR A 90 10.87 15.13 -17.86
C TYR A 90 10.58 16.53 -18.37
N HIS A 91 11.17 17.50 -17.70
CA HIS A 91 10.87 18.89 -17.99
C HIS A 91 12.10 19.73 -17.64
N PHE A 92 12.04 21.03 -17.96
CA PHE A 92 13.24 21.88 -17.90
C PHE A 92 13.07 23.16 -17.10
N HIS A 93 14.15 23.60 -16.46
CA HIS A 93 14.18 24.87 -15.75
C HIS A 93 15.32 25.72 -16.24
N THR A 94 15.02 27.00 -16.50
CA THR A 94 16.04 28.03 -16.78
C THR A 94 15.76 29.23 -15.89
N PRO A 95 16.74 29.64 -15.06
CA PRO A 95 18.00 28.93 -14.81
C PRO A 95 17.79 27.66 -14.00
N SER A 96 18.87 26.94 -13.69
CA SER A 96 18.79 25.77 -12.82
C SER A 96 18.16 26.12 -11.46
N GLU A 97 17.61 25.11 -10.79
CA GLU A 97 17.01 25.30 -9.48
C GLU A 97 18.02 25.00 -8.36
N HIS A 98 18.73 23.89 -8.48
CA HIS A 98 19.83 23.60 -7.57
C HIS A 98 21.02 24.51 -7.88
N GLN A 99 21.75 24.87 -6.82
CA GLN A 99 22.95 25.65 -6.98
C GLN A 99 24.15 24.81 -6.64
N ARG A 100 25.32 25.22 -7.11
CA ARG A 100 26.56 24.73 -6.56
C ARG A 100 27.21 25.90 -5.87
N ASP A 101 27.38 25.80 -4.55
CA ASP A 101 28.01 26.86 -3.78
C ASP A 101 27.41 28.22 -4.06
N GLY A 102 26.08 28.27 -4.16
CA GLY A 102 25.37 29.53 -4.30
C GLY A 102 25.26 30.08 -5.71
N PHE A 103 25.67 29.30 -6.71
CA PHE A 103 25.61 29.75 -8.10
C PHE A 103 24.61 28.91 -8.92
N ASN A 104 23.74 29.56 -9.69
CA ASN A 104 22.86 28.81 -10.56
C ASN A 104 23.56 28.36 -11.84
N TYR A 105 23.11 27.24 -12.41
CA TYR A 105 23.56 26.86 -13.75
C TYR A 105 22.53 27.44 -14.73
N PRO A 106 22.89 27.53 -16.02
CA PRO A 106 21.93 28.09 -17.00
C PRO A 106 20.65 27.27 -17.16
N MET A 107 20.74 25.95 -17.05
CA MET A 107 19.54 25.13 -17.20
C MET A 107 19.59 23.89 -16.33
N GLU A 108 18.42 23.43 -15.90
CA GLU A 108 18.33 22.18 -15.15
C GLU A 108 17.20 21.34 -15.72
N MET A 109 17.36 20.03 -15.59
CA MET A 109 16.42 19.08 -16.16
C MET A 109 15.95 18.05 -15.12
N HIS A 110 14.65 17.78 -15.05
CA HIS A 110 14.15 16.88 -14.04
C HIS A 110 13.46 15.71 -14.67
N LEU A 111 13.96 14.49 -14.39
CA LEU A 111 13.29 13.24 -14.83
C LEU A 111 12.47 12.67 -13.67
N VAL A 112 11.16 12.73 -13.80
CA VAL A 112 10.27 12.40 -12.69
C VAL A 112 9.76 10.96 -12.70
N HIS A 113 10.00 10.26 -11.58
CA HIS A 113 9.58 8.85 -11.42
C HIS A 113 8.63 8.63 -10.23
N LYS A 114 7.74 7.64 -10.36
CA LYS A 114 6.82 7.27 -9.30
C LYS A 114 6.69 5.73 -9.17
N ASP A 115 6.63 5.22 -7.94
CA ASP A 115 6.43 3.78 -7.73
C ASP A 115 4.97 3.47 -7.50
N GLY A 116 4.68 2.21 -7.18
CA GLY A 116 3.32 1.75 -6.91
C GLY A 116 2.58 2.42 -5.76
N ASP A 117 3.30 2.85 -4.71
CA ASP A 117 2.70 3.49 -3.53
C ASP A 117 2.61 5.02 -3.57
N GLY A 118 3.04 5.62 -4.67
CA GLY A 118 2.96 7.06 -4.80
C GLY A 118 4.25 7.79 -4.51
N ASN A 119 5.28 7.06 -4.10
CA ASN A 119 6.60 7.60 -3.85
C ASN A 119 7.25 8.16 -5.10
N LEU A 120 7.92 9.29 -4.94
CA LEU A 120 8.51 9.99 -6.08
C LEU A 120 10.03 9.90 -6.00
N ALA A 121 10.66 9.67 -7.15
CA ALA A 121 12.11 9.73 -7.23
C ALA A 121 12.45 10.60 -8.40
N VAL A 122 13.32 11.59 -8.19
CA VAL A 122 13.68 12.49 -9.27
C VAL A 122 15.17 12.49 -9.55
N ILE A 123 15.50 12.39 -10.83
CA ILE A 123 16.86 12.53 -11.29
C ILE A 123 17.00 13.93 -11.92
N ALA A 124 17.94 14.71 -11.40
CA ALA A 124 18.22 16.06 -11.86
C ALA A 124 19.54 16.10 -12.64
N ILE A 125 19.53 16.77 -13.79
CA ILE A 125 20.71 16.95 -14.62
C ILE A 125 20.98 18.44 -14.87
N LEU A 126 22.23 18.86 -14.61
CA LEU A 126 22.58 20.27 -14.77
C LEU A 126 23.24 20.53 -16.13
N PHE A 127 22.95 21.69 -16.73
CA PHE A 127 23.60 22.13 -17.96
C PHE A 127 24.60 23.25 -17.71
N GLN A 128 25.73 23.24 -18.42
CA GLN A 128 26.56 24.45 -18.54
C GLN A 128 26.90 24.75 -19.99
N GLU A 129 27.34 25.98 -20.25
CA GLU A 129 27.69 26.39 -21.60
C GLU A 129 28.90 25.61 -22.13
N GLY A 130 28.85 25.29 -23.42
CA GLY A 130 29.89 24.52 -24.09
C GLY A 130 29.49 23.97 -25.45
N GLU A 131 29.85 22.72 -25.69
CA GLU A 131 29.54 22.06 -26.96
C GLU A 131 28.04 21.97 -27.19
N GLU A 132 27.64 22.04 -28.46
CA GLU A 132 26.23 21.90 -28.84
C GLU A 132 25.74 20.53 -28.39
N ASN A 133 24.54 20.48 -27.81
CA ASN A 133 23.94 19.22 -27.39
C ASN A 133 23.04 18.68 -28.48
N GLU A 134 23.45 17.56 -29.09
CA GLU A 134 22.72 16.99 -30.20
C GLU A 134 21.36 16.44 -29.75
N THR A 135 21.31 15.79 -28.59
CA THR A 135 20.06 15.26 -28.06
C THR A 135 19.05 16.39 -27.77
N LEU A 136 19.53 17.48 -27.14
CA LEU A 136 18.72 18.69 -26.89
C LEU A 136 18.19 19.27 -28.19
N ALA A 137 19.04 19.21 -29.23
CA ALA A 137 18.70 19.77 -30.53
C ALA A 137 17.54 19.05 -31.20
N LYS A 138 17.49 17.73 -31.02
CA LYS A 138 16.35 16.94 -31.52
C LYS A 138 15.07 17.48 -30.93
N LEU A 139 15.09 17.66 -29.61
CA LEU A 139 13.94 18.16 -28.86
C LEU A 139 13.48 19.55 -29.32
N MET A 140 14.44 20.47 -29.49
CA MET A 140 14.13 21.88 -29.72
C MET A 140 13.49 22.17 -31.07
N SER A 141 13.71 21.27 -32.03
CA SER A 141 13.06 21.41 -33.33
C SER A 141 11.54 21.38 -33.21
N PHE A 142 11.05 20.78 -32.11
CA PHE A 142 9.62 20.57 -31.94
C PHE A 142 9.01 21.33 -30.75
N LEU A 143 9.71 22.35 -30.25
CA LEU A 143 9.15 23.23 -29.22
C LEU A 143 7.77 23.72 -29.62
N PRO A 144 6.74 23.36 -28.84
CA PRO A 144 5.37 23.78 -29.15
C PRO A 144 5.19 25.29 -29.21
N GLN A 145 4.46 25.72 -30.23
CA GLN A 145 4.13 27.12 -30.41
C GLN A 145 2.81 27.47 -29.73
N THR A 146 2.13 26.44 -29.20
CA THR A 146 0.84 26.57 -28.52
C THR A 146 0.93 26.16 -27.06
N LEU A 147 0.29 26.94 -26.18
CA LEU A 147 0.25 26.59 -24.76
C LEU A 147 -0.75 25.49 -24.49
N LYS A 148 -0.34 24.55 -23.64
CA LYS A 148 -1.19 23.47 -23.14
C LYS A 148 -1.76 22.55 -24.23
N LYS A 149 -1.06 22.42 -25.36
CA LYS A 149 -1.31 21.40 -26.39
C LYS A 149 -0.57 20.14 -25.99
N GLN A 150 -0.73 19.00 -26.66
CA GLN A 150 0.09 17.86 -26.26
C GLN A 150 1.06 17.45 -27.35
N GLU A 151 0.74 17.78 -28.60
CA GLU A 151 1.74 17.75 -29.69
C GLU A 151 2.57 16.46 -29.80
N ILE A 152 2.00 15.43 -30.44
CA ILE A 152 2.72 14.17 -30.67
C ILE A 152 3.50 14.06 -32.01
N HIS A 153 4.72 13.54 -31.93
CA HIS A 153 5.52 13.27 -33.13
C HIS A 153 5.93 11.82 -33.13
N GLU A 154 5.18 11.00 -33.87
CA GLU A 154 5.34 9.54 -33.87
C GLU A 154 6.73 9.07 -34.33
N SER A 155 7.35 9.81 -35.25
CA SER A 155 8.61 9.40 -35.88
C SER A 155 9.87 9.90 -35.17
N VAL A 156 9.71 10.66 -34.10
CA VAL A 156 10.87 11.16 -33.37
C VAL A 156 11.08 10.37 -32.07
N LYS A 157 12.24 9.70 -31.98
CA LYS A 157 12.59 8.92 -30.80
C LYS A 157 13.79 9.50 -30.08
N ILE A 158 13.59 9.95 -28.83
CA ILE A 158 14.69 10.45 -28.01
C ILE A 158 14.83 9.62 -26.75
N HIS A 159 15.96 8.93 -26.61
CA HIS A 159 16.18 8.17 -25.38
C HIS A 159 16.65 9.13 -24.28
N PRO A 160 15.88 9.20 -23.18
CA PRO A 160 16.18 10.16 -22.11
C PRO A 160 17.55 9.92 -21.45
N ALA A 161 18.07 8.70 -21.51
CA ALA A 161 19.38 8.47 -20.91
C ALA A 161 20.51 9.09 -21.77
N LYS A 162 20.18 9.57 -22.96
CA LYS A 162 21.12 10.35 -23.77
C LYS A 162 21.49 11.67 -23.09
N PHE A 163 20.62 12.16 -22.22
CA PHE A 163 20.91 13.38 -21.45
C PHE A 163 21.82 13.13 -20.23
N PHE A 164 22.11 11.88 -19.92
CA PHE A 164 22.95 11.57 -18.77
C PHE A 164 24.40 11.92 -19.03
N PRO A 165 25.06 12.54 -18.03
CA PRO A 165 26.49 12.82 -18.16
C PRO A 165 27.32 11.54 -18.20
N ALA A 166 28.56 11.67 -18.66
CA ALA A 166 29.47 10.54 -18.73
C ALA A 166 29.84 10.05 -17.34
N ASP A 167 30.18 10.98 -16.45
CA ASP A 167 30.42 10.62 -15.05
C ASP A 167 29.09 10.30 -14.39
N LYS A 168 29.03 9.19 -13.69
CA LYS A 168 27.78 8.76 -13.07
C LYS A 168 27.65 9.10 -11.57
N LYS A 169 28.64 9.79 -11.01
CA LYS A 169 28.56 10.28 -9.61
C LYS A 169 27.36 11.23 -9.41
N PHE A 170 26.70 11.13 -8.27
CA PHE A 170 25.56 11.99 -7.99
C PHE A 170 25.44 12.30 -6.50
N TYR A 171 24.66 13.34 -6.21
CA TYR A 171 24.29 13.68 -4.85
C TYR A 171 22.90 13.15 -4.58
N LYS A 172 22.62 12.69 -3.36
CA LYS A 172 21.24 12.30 -3.04
C LYS A 172 20.79 12.94 -1.73
N TYR A 173 19.52 13.34 -1.68
CA TYR A 173 18.92 13.88 -0.46
C TYR A 173 17.40 13.73 -0.51
N SER A 174 16.78 13.85 0.65
CA SER A 174 15.34 13.74 0.74
C SER A 174 14.73 15.13 0.59
N GLY A 175 13.86 15.30 -0.39
CA GLY A 175 13.32 16.61 -0.65
C GLY A 175 11.85 16.67 -1.03
N SER A 176 11.54 17.65 -1.86
CA SER A 176 10.17 17.88 -2.26
C SER A 176 10.09 18.22 -3.75
N LEU A 177 8.86 18.37 -4.24
CA LEU A 177 8.62 19.02 -5.51
C LEU A 177 9.07 20.48 -5.42
N THR A 178 9.49 21.06 -6.54
CA THR A 178 9.92 22.45 -6.54
C THR A 178 8.81 23.39 -7.05
N THR A 179 7.65 22.81 -7.30
CA THR A 179 6.45 23.53 -7.69
C THR A 179 5.34 23.16 -6.74
N PRO A 180 4.34 24.04 -6.56
CA PRO A 180 3.14 23.70 -5.77
C PRO A 180 2.53 22.35 -6.19
N PRO A 181 2.02 21.57 -5.23
CA PRO A 181 1.88 21.78 -3.78
C PRO A 181 3.13 21.50 -2.95
N CYS A 182 4.29 21.40 -3.60
CA CYS A 182 5.57 21.23 -2.94
C CYS A 182 5.60 19.99 -2.04
N SER A 183 4.98 18.93 -2.51
CA SER A 183 4.90 17.69 -1.76
C SER A 183 6.26 17.13 -1.41
N GLU A 184 6.40 16.71 -0.15
CA GLU A 184 7.65 16.18 0.34
C GLU A 184 7.67 14.67 0.19
N GLY A 185 8.78 14.04 0.58
CA GLY A 185 8.92 12.60 0.46
C GLY A 185 9.50 12.25 -0.89
N VAL A 186 10.17 13.21 -1.50
CA VAL A 186 10.76 12.99 -2.83
C VAL A 186 12.22 12.59 -2.70
N TYR A 187 12.56 11.48 -3.34
CA TYR A 187 13.92 10.97 -3.41
C TYR A 187 14.71 11.69 -4.54
N TRP A 188 15.62 12.60 -4.19
CA TRP A 188 16.34 13.38 -5.21
C TRP A 188 17.71 12.79 -5.46
N MET A 189 18.04 12.60 -6.75
CA MET A 189 19.43 12.34 -7.16
C MET A 189 19.84 13.36 -8.20
N VAL A 190 20.95 14.02 -7.92
CA VAL A 190 21.44 15.09 -8.76
C VAL A 190 22.83 14.71 -9.22
N PHE A 191 23.00 14.54 -10.53
CA PHE A 191 24.30 14.22 -11.10
C PHE A 191 25.36 15.30 -10.78
N LYS A 192 26.53 14.86 -10.34
CA LYS A 192 27.58 15.81 -10.01
C LYS A 192 28.01 16.59 -11.24
N GLN A 193 28.16 15.89 -12.36
CA GLN A 193 28.76 16.49 -13.54
C GLN A 193 27.68 17.15 -14.42
N PRO A 194 27.85 18.44 -14.74
CA PRO A 194 26.86 18.98 -15.68
C PRO A 194 27.12 18.44 -17.08
N ILE A 195 26.10 18.42 -17.91
CA ILE A 195 26.33 18.15 -19.33
C ILE A 195 26.40 19.47 -20.06
N GLN A 196 26.78 19.42 -21.33
CA GLN A 196 26.92 20.67 -22.07
C GLN A 196 25.80 20.89 -23.07
N ALA A 197 25.46 22.16 -23.22
CA ALA A 197 24.63 22.65 -24.31
C ALA A 197 25.29 23.94 -24.81
N SER A 198 25.06 24.29 -26.07
CA SER A 198 25.64 25.51 -26.61
C SER A 198 24.98 26.75 -26.01
N VAL A 199 25.72 27.85 -26.04
CA VAL A 199 25.20 29.13 -25.58
C VAL A 199 23.92 29.51 -26.27
N THR A 200 23.87 29.30 -27.59
CA THR A 200 22.68 29.69 -28.33
C THR A 200 21.52 28.72 -27.97
N GLN A 201 21.82 27.43 -27.76
CA GLN A 201 20.82 26.49 -27.24
C GLN A 201 20.23 26.92 -25.88
N LEU A 202 21.11 27.19 -24.91
CA LEU A 202 20.69 27.67 -23.59
C LEU A 202 19.86 28.95 -23.67
N GLU A 203 20.29 29.88 -24.53
CA GLU A 203 19.59 31.14 -24.71
C GLU A 203 18.17 30.95 -25.26
N LYS A 204 18.04 30.09 -26.28
CA LYS A 204 16.73 29.84 -26.85
C LYS A 204 15.80 29.16 -25.84
N MET A 205 16.32 28.20 -25.08
CA MET A 205 15.53 27.58 -24.02
C MET A 205 15.04 28.61 -22.98
N HIS A 206 15.93 29.49 -22.55
CA HIS A 206 15.57 30.52 -21.58
C HIS A 206 14.57 31.51 -22.15
N GLU A 207 14.77 31.88 -23.41
CA GLU A 207 13.86 32.79 -24.07
C GLU A 207 12.47 32.15 -24.16
N TYR A 208 12.45 30.85 -24.45
CA TYR A 208 11.20 30.08 -24.53
C TYR A 208 10.48 29.92 -23.19
N LEU A 209 11.19 29.39 -22.19
CA LEU A 209 10.63 29.12 -20.86
C LEU A 209 10.43 30.36 -19.98
N GLY A 210 11.31 31.34 -20.12
CA GLY A 210 11.38 32.42 -19.16
C GLY A 210 12.14 31.90 -17.95
N SER A 211 12.08 32.64 -16.85
CA SER A 211 12.65 32.17 -15.60
C SER A 211 11.62 31.41 -14.78
N ASN A 212 11.80 30.10 -14.68
CA ASN A 212 10.85 29.22 -13.98
C ASN A 212 11.51 28.37 -12.90
N ALA A 213 12.48 28.95 -12.20
CA ALA A 213 13.21 28.27 -11.11
C ALA A 213 12.81 28.75 -9.70
N ARG A 214 12.60 27.80 -8.79
CA ARG A 214 12.34 28.16 -7.41
C ARG A 214 13.63 28.50 -6.67
N PRO A 215 13.57 29.54 -5.83
CA PRO A 215 14.71 29.84 -4.96
C PRO A 215 15.05 28.66 -4.06
N VAL A 216 16.32 28.56 -3.71
CA VAL A 216 16.87 27.52 -2.86
C VAL A 216 16.24 27.55 -1.45
N GLN A 217 16.01 26.36 -0.90
CA GLN A 217 15.38 26.19 0.41
C GLN A 217 16.40 25.77 1.45
N ARG A 218 16.05 25.97 2.72
CA ARG A 218 16.98 25.68 3.81
C ARG A 218 17.21 24.19 3.91
N GLN A 219 18.45 23.81 4.06
CA GLN A 219 18.81 22.41 4.21
C GLN A 219 18.30 21.83 5.54
N ASN A 220 18.28 22.65 6.59
CA ASN A 220 17.82 22.24 7.93
C ASN A 220 18.54 20.99 8.44
N ALA A 221 17.79 19.97 8.84
CA ALA A 221 18.44 18.81 9.46
C ALA A 221 19.00 17.80 8.46
N ARG A 222 18.95 18.10 7.16
CA ARG A 222 19.30 17.09 6.17
C ARG A 222 20.78 16.98 5.92
N THR A 223 21.20 15.75 5.63
CA THR A 223 22.56 15.49 5.18
C THR A 223 22.58 15.33 3.66
N LEU A 224 23.49 16.03 3.00
CA LEU A 224 23.68 15.85 1.57
C LEU A 224 24.68 14.71 1.33
N LEU A 225 24.25 13.68 0.59
CA LEU A 225 25.11 12.52 0.36
C LEU A 225 25.77 12.56 -1.00
N LYS A 226 27.01 12.06 -1.06
CA LYS A 226 27.70 11.74 -2.31
C LYS A 226 27.58 10.23 -2.53
N SER A 227 27.49 9.80 -3.79
CA SER A 227 27.34 8.38 -4.12
C SER A 227 28.67 7.63 -4.13
N TRP A 228 29.76 8.33 -3.81
CA TRP A 228 31.10 7.74 -3.79
C TRP A 228 31.76 8.02 -2.45
N PRO A 229 32.82 7.27 -2.13
CA PRO A 229 33.52 7.52 -0.85
C PRO A 229 34.50 8.67 -0.86
N ASP A 230 34.76 9.22 0.33
CA ASP A 230 35.76 10.25 0.57
C ASP A 230 37.11 9.63 0.84
N PRO B 1 -4.46 24.71 23.76
CA PRO B 1 -3.73 23.55 23.23
C PRO B 1 -4.40 22.26 23.68
N PRO B 2 -4.91 21.45 22.73
CA PRO B 2 -5.74 20.30 23.07
C PRO B 2 -5.00 19.16 23.76
N HIS B 3 -5.73 18.37 24.53
CA HIS B 3 -5.19 17.23 25.22
C HIS B 3 -4.91 16.11 24.22
N TRP B 4 -3.77 15.46 24.37
CA TRP B 4 -3.44 14.27 23.57
C TRP B 4 -2.78 13.22 24.47
N GLY B 5 -2.85 11.97 24.03
CA GLY B 5 -2.24 10.88 24.74
C GLY B 5 -1.91 9.75 23.78
N TYR B 6 -1.70 8.56 24.33
CA TYR B 6 -1.22 7.42 23.55
C TYR B 6 -2.26 6.32 23.36
N PHE B 7 -3.50 6.59 23.78
CA PHE B 7 -4.59 5.63 23.54
C PHE B 7 -5.91 6.31 23.18
N GLY B 8 -6.73 5.61 22.41
CA GLY B 8 -8.07 6.07 22.09
C GLY B 8 -8.19 7.18 21.07
N GLU B 9 -9.23 8.01 21.20
CA GLU B 9 -9.45 9.11 20.28
C GLU B 9 -8.37 10.17 20.37
N GLU B 10 -7.71 10.23 21.52
CA GLU B 10 -6.55 11.09 21.69
C GLU B 10 -5.25 10.46 21.16
N GLY B 11 -5.29 9.16 20.87
CA GLY B 11 -4.12 8.42 20.42
C GLY B 11 -3.39 8.88 19.16
N PRO B 12 -2.18 8.34 18.93
CA PRO B 12 -1.30 8.77 17.84
C PRO B 12 -1.92 8.74 16.42
N GLN B 13 -2.79 7.79 16.08
CA GLN B 13 -3.42 7.79 14.75
C GLN B 13 -4.25 9.05 14.55
N TYR B 14 -4.77 9.64 15.63
CA TYR B 14 -5.63 10.82 15.52
C TYR B 14 -4.98 12.16 15.80
N TRP B 15 -3.72 12.18 16.26
CA TRP B 15 -3.04 13.42 16.66
C TRP B 15 -3.22 14.53 15.63
N GLY B 16 -3.02 14.18 14.36
CA GLY B 16 -3.07 15.12 13.26
C GLY B 16 -4.43 15.76 13.06
N GLU B 17 -5.46 15.16 13.63
CA GLU B 17 -6.80 15.69 13.50
C GLU B 17 -7.33 16.40 14.77
N LEU B 18 -6.54 16.43 15.84
CA LEU B 18 -7.01 17.06 17.09
C LEU B 18 -7.03 18.57 16.97
N ALA B 19 -6.18 19.13 16.12
CA ALA B 19 -6.08 20.57 15.96
C ALA B 19 -5.17 20.89 14.78
N PRO B 20 -5.41 22.04 14.13
CA PRO B 20 -4.61 22.56 13.01
C PRO B 20 -3.09 22.54 13.26
N GLU B 21 -2.66 22.92 14.46
CA GLU B 21 -1.23 23.01 14.77
C GLU B 21 -0.59 21.64 14.83
N PHE B 22 -1.42 20.61 14.96
CA PHE B 22 -0.92 19.24 15.03
C PHE B 22 -0.89 18.53 13.65
N SER B 23 -1.31 19.21 12.58
CA SER B 23 -1.48 18.57 11.27
C SER B 23 -0.25 17.84 10.69
N THR B 24 0.95 18.30 11.05
CA THR B 24 2.19 17.70 10.55
C THR B 24 2.29 16.24 11.02
N CYS B 25 1.62 15.93 12.14
CA CYS B 25 1.56 14.55 12.64
C CYS B 25 0.95 13.63 11.60
N LYS B 26 0.03 14.18 10.81
CA LYS B 26 -0.66 13.44 9.76
C LYS B 26 -0.12 13.68 8.34
N THR B 27 0.45 14.84 8.07
CA THR B 27 0.81 15.17 6.69
C THR B 27 2.31 15.04 6.42
N GLY B 28 3.08 14.81 7.47
CA GLY B 28 4.53 14.80 7.36
C GLY B 28 5.08 13.59 6.62
N LYS B 29 6.17 13.82 5.91
CA LYS B 29 6.82 12.76 5.17
C LYS B 29 8.18 12.40 5.75
N ASN B 30 8.58 13.12 6.78
CA ASN B 30 9.85 12.89 7.43
C ASN B 30 9.65 12.80 8.95
N GLN B 31 8.80 11.86 9.37
CA GLN B 31 8.37 11.75 10.75
C GLN B 31 9.21 10.75 11.51
N SER B 32 9.22 10.90 12.83
CA SER B 32 9.91 9.96 13.70
C SER B 32 8.89 9.31 14.63
N PRO B 33 9.19 8.13 15.17
CA PRO B 33 10.38 7.31 14.95
C PRO B 33 10.28 6.44 13.71
N ILE B 34 11.36 5.73 13.42
CA ILE B 34 11.35 4.78 12.33
C ILE B 34 11.85 3.43 12.77
N ASN B 35 11.44 2.40 12.03
CA ASN B 35 12.08 1.11 12.14
C ASN B 35 13.47 1.24 11.53
N LEU B 36 14.51 0.99 12.32
CA LEU B 36 15.88 1.07 11.86
C LEU B 36 16.31 -0.28 11.32
N LYS B 37 16.64 -0.35 10.04
CA LYS B 37 17.10 -1.60 9.46
C LYS B 37 18.59 -1.53 9.15
N PRO B 38 19.42 -2.23 9.93
CA PRO B 38 20.88 -2.20 9.81
C PRO B 38 21.38 -2.62 8.41
N GLN B 39 20.63 -3.49 7.73
CA GLN B 39 20.98 -3.95 6.39
C GLN B 39 20.87 -2.80 5.37
N THR B 40 19.81 -2.03 5.52
CA THR B 40 19.47 -0.92 4.64
C THR B 40 20.33 0.33 4.89
N ALA B 41 20.93 0.43 6.09
CA ALA B 41 21.70 1.61 6.46
C ALA B 41 22.99 1.73 5.65
N VAL B 42 23.31 2.97 5.29
CA VAL B 42 24.41 3.28 4.40
C VAL B 42 25.63 3.80 5.19
N GLY B 43 26.76 3.11 5.05
CA GLY B 43 28.00 3.51 5.68
C GLY B 43 28.51 4.83 5.15
N THR B 44 29.25 5.57 5.98
CA THR B 44 29.73 6.89 5.58
C THR B 44 31.24 7.08 5.81
N THR B 45 31.80 8.08 5.17
CA THR B 45 33.22 8.30 5.30
C THR B 45 33.52 9.66 5.91
N SER B 46 32.53 10.54 5.96
CA SER B 46 32.78 11.84 6.55
C SER B 46 31.54 12.51 7.14
N LEU B 47 30.68 11.71 7.75
CA LEU B 47 29.56 12.23 8.53
C LEU B 47 30.15 12.92 9.74
N PRO B 48 29.64 14.11 10.05
CA PRO B 48 30.09 14.77 11.28
C PRO B 48 29.79 13.96 12.56
N GLY B 49 30.79 13.91 13.44
CA GLY B 49 30.62 13.36 14.77
C GLY B 49 30.25 14.50 15.69
N PHE B 50 30.14 14.22 16.99
CA PHE B 50 29.80 15.28 17.94
C PHE B 50 30.65 15.21 19.20
N ASP B 51 30.85 16.36 19.81
CA ASP B 51 31.59 16.43 21.04
C ASP B 51 30.61 16.80 22.14
N VAL B 52 30.72 16.13 23.28
CA VAL B 52 29.80 16.36 24.39
C VAL B 52 30.44 17.21 25.49
N TYR B 53 29.74 18.30 25.84
CA TYR B 53 30.15 19.20 26.93
C TYR B 53 29.00 19.39 27.92
N TYR B 54 28.80 18.40 28.77
CA TYR B 54 27.75 18.47 29.77
C TYR B 54 28.35 18.79 31.14
N ARG B 55 27.66 19.63 31.90
CA ARG B 55 28.14 19.92 33.24
C ARG B 55 27.21 19.32 34.29
N GLU B 56 27.79 19.00 35.44
CA GLU B 56 27.06 18.40 36.56
C GLU B 56 26.29 19.44 37.36
N THR B 57 24.98 19.20 37.50
CA THR B 57 24.09 20.16 38.16
C THR B 57 23.05 19.42 39.00
N ALA B 58 22.43 20.12 39.94
CA ALA B 58 21.34 19.54 40.71
C ALA B 58 20.24 18.98 39.81
N LEU B 59 19.61 17.91 40.29
CA LEU B 59 18.55 17.22 39.59
C LEU B 59 17.21 17.96 39.69
N LYS B 60 16.75 18.43 38.54
CA LYS B 60 15.43 19.03 38.40
C LYS B 60 14.59 18.07 37.59
N LEU B 61 13.44 17.67 38.13
CA LEU B 61 12.73 16.52 37.62
C LEU B 61 11.24 16.82 37.49
N ILE B 62 10.58 16.39 36.43
CA ILE B 62 9.14 16.66 36.32
C ILE B 62 8.41 15.59 35.52
N ASN B 63 7.25 15.16 36.02
CA ASN B 63 6.32 14.37 35.23
C ASN B 63 5.30 15.27 34.58
N ASN B 64 5.47 15.52 33.28
CA ASN B 64 4.61 16.48 32.60
C ASN B 64 3.32 15.86 32.07
N GLY B 65 3.00 14.64 32.48
CA GLY B 65 1.80 13.99 31.99
C GLY B 65 2.06 13.00 30.87
N HIS B 66 3.02 13.32 30.01
CA HIS B 66 3.37 12.43 28.90
C HIS B 66 4.69 11.70 29.11
N THR B 67 5.55 12.25 29.97
CA THR B 67 6.84 11.59 30.18
C THR B 67 7.49 11.99 31.50
N LEU B 68 8.59 11.33 31.81
CA LEU B 68 9.49 11.78 32.84
C LEU B 68 10.65 12.55 32.24
N GLN B 69 10.73 13.83 32.58
CA GLN B 69 11.68 14.76 32.00
C GLN B 69 12.64 15.39 33.01
N VAL B 70 13.95 15.29 32.73
CA VAL B 70 14.98 15.91 33.57
C VAL B 70 15.37 17.24 32.94
N ASN B 71 15.15 18.36 33.62
CA ASN B 71 15.49 19.63 32.98
C ASN B 71 16.89 20.05 33.36
N ILE B 72 17.63 20.40 32.31
CA ILE B 72 19.00 20.85 32.39
C ILE B 72 19.11 22.38 32.29
N PRO B 73 19.83 22.99 33.24
CA PRO B 73 20.13 24.42 33.27
C PRO B 73 21.04 24.82 32.10
N LEU B 74 21.00 26.09 31.69
CA LEU B 74 21.83 26.54 30.59
C LEU B 74 23.30 26.31 30.95
N GLY B 75 24.09 25.88 29.97
CA GLY B 75 25.51 25.63 30.16
C GLY B 75 26.01 24.31 29.59
N SER B 76 25.11 23.40 29.25
CA SER B 76 25.54 22.14 28.69
C SER B 76 25.20 22.16 27.22
N TYR B 77 26.11 21.62 26.43
CA TYR B 77 25.92 21.64 24.99
C TYR B 77 26.71 20.53 24.33
N ILE B 78 26.34 20.26 23.09
CA ILE B 78 27.14 19.46 22.21
C ILE B 78 27.54 20.34 21.04
N LYS B 79 28.55 19.89 20.29
CA LYS B 79 28.97 20.53 19.04
C LYS B 79 29.00 19.46 17.95
N ILE B 80 28.14 19.62 16.94
CA ILE B 80 28.17 18.73 15.78
C ILE B 80 28.98 19.41 14.69
N ASN B 81 30.20 18.94 14.45
CA ASN B 81 31.08 19.55 13.45
C ASN B 81 31.29 21.06 13.70
N GLY B 82 31.49 21.44 14.96
CA GLY B 82 31.70 22.83 15.31
C GLY B 82 30.43 23.66 15.50
N HIS B 83 29.28 23.10 15.12
CA HIS B 83 27.98 23.72 15.32
C HIS B 83 27.37 23.33 16.69
N ARG B 84 26.95 24.33 17.45
CA ARG B 84 26.61 24.13 18.86
C ARG B 84 25.12 24.07 19.19
N TYR B 85 24.72 23.02 19.91
CA TYR B 85 23.33 22.89 20.40
C TYR B 85 23.30 22.78 21.89
N GLU B 86 22.41 23.51 22.53
CA GLU B 86 22.31 23.47 23.98
C GLU B 86 21.45 22.31 24.43
N LEU B 87 21.93 21.57 25.42
CA LEU B 87 21.10 20.54 26.07
C LEU B 87 19.99 21.20 26.88
N LEU B 88 18.73 20.90 26.54
CA LEU B 88 17.58 21.42 27.27
C LEU B 88 17.02 20.43 28.31
N GLN B 89 17.04 19.15 27.94
CA GLN B 89 16.33 18.17 28.73
C GLN B 89 16.64 16.78 28.23
N TYR B 90 16.38 15.78 29.06
CA TYR B 90 16.23 14.43 28.55
C TYR B 90 15.00 13.79 29.19
N HIS B 91 14.42 12.80 28.53
CA HIS B 91 13.18 12.19 29.00
C HIS B 91 13.14 10.76 28.52
N PHE B 92 12.10 10.01 28.93
CA PHE B 92 12.05 8.56 28.69
C PHE B 92 10.78 8.07 28.01
N HIS B 93 10.95 7.00 27.21
CA HIS B 93 9.82 6.31 26.62
C HIS B 93 9.92 4.84 26.94
N THR B 94 8.79 4.26 27.34
CA THR B 94 8.57 2.81 27.46
C THR B 94 7.33 2.44 26.69
N PRO B 95 7.44 1.47 25.75
CA PRO B 95 8.68 0.84 25.28
C PRO B 95 9.45 1.82 24.38
N SER B 96 10.55 1.38 23.78
CA SER B 96 11.30 2.21 22.84
C SER B 96 10.40 2.75 21.72
N GLU B 97 10.81 3.87 21.13
CA GLU B 97 10.04 4.39 20.01
C GLU B 97 10.63 3.87 18.70
N HIS B 98 11.95 3.94 18.57
CA HIS B 98 12.63 3.31 17.45
C HIS B 98 12.64 1.79 17.60
N GLN B 99 12.60 1.10 16.47
CA GLN B 99 12.72 -0.36 16.38
C GLN B 99 14.02 -0.74 15.73
N ARG B 100 14.45 -1.96 15.95
CA ARG B 100 15.51 -2.53 15.12
C ARG B 100 14.92 -3.76 14.44
N ASP B 101 14.84 -3.74 13.12
CA ASP B 101 14.25 -4.83 12.33
C ASP B 101 12.87 -5.17 12.88
N GLY B 102 12.11 -4.14 13.26
CA GLY B 102 10.74 -4.30 13.68
C GLY B 102 10.52 -4.69 15.14
N PHE B 103 11.59 -4.70 15.94
CA PHE B 103 11.45 -5.07 17.36
C PHE B 103 11.74 -3.89 18.27
N ASN B 104 10.84 -3.63 19.21
CA ASN B 104 11.02 -2.55 20.19
C ASN B 104 11.94 -2.99 21.30
N TYR B 105 12.66 -2.02 21.87
CA TYR B 105 13.41 -2.29 23.07
C TYR B 105 12.53 -1.95 24.27
N PRO B 106 12.90 -2.43 25.48
CA PRO B 106 12.10 -2.10 26.67
C PRO B 106 12.00 -0.59 26.96
N MET B 107 13.06 0.18 26.71
CA MET B 107 13.01 1.62 26.99
C MET B 107 13.88 2.45 26.03
N GLU B 108 13.47 3.69 25.80
CA GLU B 108 14.28 4.60 25.02
C GLU B 108 14.38 5.93 25.76
N MET B 109 15.50 6.62 25.54
CA MET B 109 15.82 7.87 26.19
C MET B 109 16.22 8.94 25.15
N HIS B 110 15.69 10.15 25.31
CA HIS B 110 15.95 11.22 24.36
C HIS B 110 16.66 12.42 25.00
N LEU B 111 17.83 12.79 24.46
CA LEU B 111 18.50 14.04 24.88
C LEU B 111 18.19 15.13 23.87
N VAL B 112 17.45 16.14 24.31
CA VAL B 112 17.00 17.16 23.39
C VAL B 112 17.89 18.40 23.40
N HIS B 113 18.37 18.78 22.21
CA HIS B 113 19.21 19.96 22.06
C HIS B 113 18.60 20.99 21.13
N LYS B 114 18.84 22.27 21.39
CA LYS B 114 18.35 23.32 20.52
C LYS B 114 19.46 24.34 20.32
N ASP B 115 19.59 24.86 19.09
CA ASP B 115 20.58 25.91 18.85
C ASP B 115 19.94 27.29 18.88
N GLY B 116 20.72 28.33 18.58
CA GLY B 116 20.22 29.69 18.55
C GLY B 116 19.07 30.00 17.58
N ASP B 117 19.00 29.29 16.45
CA ASP B 117 17.98 29.51 15.44
C ASP B 117 16.75 28.65 15.66
N GLY B 118 16.79 27.80 16.67
CA GLY B 118 15.66 26.94 16.95
C GLY B 118 15.81 25.52 16.41
N ASN B 119 16.91 25.27 15.71
CA ASN B 119 17.14 23.93 15.18
C ASN B 119 17.33 22.90 16.30
N LEU B 120 16.68 21.75 16.15
CA LEU B 120 16.67 20.72 17.18
C LEU B 120 17.54 19.53 16.79
N ALA B 121 18.30 19.01 17.73
CA ALA B 121 19.01 17.75 17.50
C ALA B 121 18.77 16.83 18.67
N VAL B 122 18.38 15.60 18.40
CA VAL B 122 18.06 14.66 19.48
C VAL B 122 19.00 13.49 19.45
N ILE B 123 19.57 13.16 20.61
CA ILE B 123 20.37 11.96 20.75
C ILE B 123 19.51 10.93 21.44
N ALA B 124 19.34 9.77 20.79
CA ALA B 124 18.54 8.70 21.35
C ALA B 124 19.42 7.53 21.81
N ILE B 125 19.15 7.07 23.03
CA ILE B 125 19.84 5.94 23.62
C ILE B 125 18.85 4.83 23.96
N LEU B 126 19.15 3.62 23.51
CA LEU B 126 18.26 2.49 23.71
C LEU B 126 18.67 1.68 24.94
N PHE B 127 17.67 1.19 25.68
CA PHE B 127 17.92 0.30 26.81
C PHE B 127 17.59 -1.14 26.43
N GLN B 128 18.40 -2.09 26.88
CA GLN B 128 18.01 -3.50 26.85
C GLN B 128 18.14 -4.12 28.26
N GLU B 129 17.45 -5.23 28.50
CA GLU B 129 17.55 -5.89 29.80
C GLU B 129 18.97 -6.42 29.98
N GLY B 130 19.49 -6.34 31.20
CA GLY B 130 20.86 -6.75 31.52
C GLY B 130 21.26 -6.28 32.91
N GLU B 131 22.48 -5.76 33.07
CA GLU B 131 22.96 -5.28 34.37
C GLU B 131 22.13 -4.14 34.94
N GLU B 132 22.10 -4.09 36.27
CA GLU B 132 21.45 -2.99 36.97
C GLU B 132 22.15 -1.73 36.50
N ASN B 133 21.38 -0.70 36.17
CA ASN B 133 21.97 0.57 35.75
C ASN B 133 22.05 1.50 36.96
N GLU B 134 23.27 1.79 37.42
CA GLU B 134 23.43 2.58 38.62
C GLU B 134 22.94 4.00 38.47
N THR B 135 23.25 4.61 37.33
CA THR B 135 22.80 5.95 37.00
C THR B 135 21.28 6.00 36.95
N LEU B 136 20.65 5.01 36.29
CA LEU B 136 19.19 4.91 36.29
C LEU B 136 18.64 4.75 37.72
N ALA B 137 19.35 4.00 38.55
CA ALA B 137 18.92 3.76 39.92
C ALA B 137 18.88 5.06 40.76
N LYS B 138 19.84 5.97 40.58
CA LYS B 138 19.79 7.28 41.25
C LYS B 138 18.52 8.04 40.90
N LEU B 139 18.27 8.12 39.60
CA LEU B 139 17.14 8.84 39.04
C LEU B 139 15.81 8.31 39.59
N MET B 140 15.67 7.00 39.66
CA MET B 140 14.40 6.40 40.06
C MET B 140 14.08 6.60 41.53
N SER B 141 15.10 6.85 42.34
CA SER B 141 14.89 7.15 43.76
C SER B 141 14.04 8.41 43.93
N PHE B 142 14.04 9.26 42.89
CA PHE B 142 13.40 10.57 42.95
C PHE B 142 12.26 10.81 41.95
N LEU B 143 11.69 9.75 41.38
CA LEU B 143 10.52 9.86 40.50
C LEU B 143 9.37 10.69 41.12
N PRO B 144 9.01 11.84 40.50
CA PRO B 144 7.91 12.64 41.05
C PRO B 144 6.57 11.91 41.12
N GLN B 145 5.91 12.01 42.26
CA GLN B 145 4.58 11.46 42.44
C GLN B 145 3.51 12.51 42.17
N THR B 146 3.94 13.70 41.78
CA THR B 146 3.05 14.84 41.48
C THR B 146 3.10 15.20 40.00
N LEU B 147 1.95 15.48 39.41
CA LEU B 147 1.93 15.90 38.01
C LEU B 147 2.34 17.37 37.86
N LYS B 148 3.22 17.65 36.91
CA LYS B 148 3.61 19.01 36.55
C LYS B 148 4.21 19.93 37.63
N LYS B 149 4.84 19.37 38.66
CA LYS B 149 5.74 20.10 39.56
C LYS B 149 7.15 20.07 39.04
N GLN B 150 8.09 20.78 39.65
CA GLN B 150 9.43 20.70 39.11
C GLN B 150 10.44 19.96 39.98
N GLU B 151 10.16 19.78 41.26
CA GLU B 151 10.84 18.78 42.08
C GLU B 151 12.37 18.84 41.99
N ILE B 152 12.97 19.82 42.65
CA ILE B 152 14.42 19.98 42.67
C ILE B 152 15.13 19.27 43.82
N HIS B 153 16.27 18.66 43.51
CA HIS B 153 17.12 18.05 44.53
C HIS B 153 18.55 18.61 44.45
N GLU B 154 18.86 19.60 45.29
CA GLU B 154 20.15 20.30 45.24
C GLU B 154 21.32 19.35 45.46
N SER B 155 21.15 18.31 46.27
CA SER B 155 22.28 17.48 46.61
C SER B 155 22.48 16.29 45.67
N VAL B 156 21.58 16.08 44.72
CA VAL B 156 21.75 14.95 43.77
C VAL B 156 22.22 15.38 42.38
N LYS B 157 23.38 14.88 42.00
CA LYS B 157 24.04 15.20 40.74
C LYS B 157 24.13 14.00 39.82
N ILE B 158 23.53 14.08 38.64
CA ILE B 158 23.68 13.03 37.64
C ILE B 158 24.27 13.58 36.33
N HIS B 159 25.43 13.09 35.94
CA HIS B 159 26.00 13.52 34.68
C HIS B 159 25.28 12.76 33.56
N PRO B 160 24.64 13.49 32.63
CA PRO B 160 23.83 12.87 31.56
C PRO B 160 24.65 11.97 30.62
N ALA B 161 25.96 12.22 30.53
CA ALA B 161 26.80 11.41 29.65
C ALA B 161 27.07 10.01 30.21
N LYS B 162 26.70 9.79 31.49
CA LYS B 162 26.78 8.46 32.09
C LYS B 162 25.86 7.46 31.41
N PHE B 163 24.81 7.97 30.78
CA PHE B 163 23.88 7.12 30.06
C PHE B 163 24.37 6.67 28.67
N PHE B 164 25.49 7.23 28.20
CA PHE B 164 26.01 6.88 26.88
C PHE B 164 26.66 5.49 26.87
N PRO B 165 26.44 4.73 25.79
CA PRO B 165 27.11 3.44 25.67
C PRO B 165 28.62 3.59 25.48
N ALA B 166 29.33 2.49 25.69
CA ALA B 166 30.77 2.49 25.51
C ALA B 166 31.08 2.67 24.03
N ASP B 167 30.40 1.90 23.17
CA ASP B 167 30.50 2.04 21.72
C ASP B 167 29.83 3.36 21.32
N LYS B 168 30.53 4.18 20.56
CA LYS B 168 30.03 5.50 20.16
C LYS B 168 29.43 5.53 18.72
N LYS B 169 29.36 4.38 18.04
CA LYS B 169 28.74 4.30 16.71
C LYS B 169 27.26 4.70 16.76
N PHE B 170 26.78 5.40 15.74
CA PHE B 170 25.36 5.79 15.71
C PHE B 170 24.76 5.81 14.32
N TYR B 171 23.43 5.79 14.30
CA TYR B 171 22.63 5.96 13.10
C TYR B 171 22.15 7.39 13.07
N LYS B 172 22.13 8.02 11.91
CA LYS B 172 21.58 9.38 11.82
C LYS B 172 20.61 9.52 10.66
N TYR B 173 19.55 10.30 10.90
CA TYR B 173 18.59 10.60 9.86
C TYR B 173 17.86 11.89 10.21
N SER B 174 17.18 12.46 9.23
CA SER B 174 16.39 13.66 9.41
C SER B 174 14.97 13.31 9.78
N GLY B 175 14.48 13.82 10.92
CA GLY B 175 13.16 13.43 11.39
C GLY B 175 12.30 14.50 12.05
N SER B 176 11.51 14.05 13.00
CA SER B 176 10.58 14.96 13.68
C SER B 176 10.58 14.73 15.17
N LEU B 177 9.85 15.60 15.88
CA LEU B 177 9.44 15.31 17.26
C LEU B 177 8.55 14.08 17.23
N THR B 178 8.53 13.31 18.31
CA THR B 178 7.70 12.12 18.33
C THR B 178 6.38 12.39 19.04
N THR B 179 6.18 13.64 19.45
CA THR B 179 4.94 14.05 20.11
C THR B 179 4.36 15.25 19.38
N PRO B 180 3.04 15.49 19.50
CA PRO B 180 2.47 16.73 18.94
C PRO B 180 3.27 17.95 19.40
N PRO B 181 3.47 18.96 18.53
CA PRO B 181 3.01 19.18 17.15
C PRO B 181 3.79 18.44 16.05
N CYS B 182 4.63 17.48 16.43
CA CYS B 182 5.38 16.65 15.47
C CYS B 182 6.22 17.48 14.51
N SER B 183 6.84 18.53 15.03
CA SER B 183 7.67 19.41 14.21
C SER B 183 8.80 18.64 13.52
N GLU B 184 8.97 18.93 12.24
CA GLU B 184 9.99 18.28 11.45
C GLU B 184 11.27 19.12 11.46
N GLY B 185 12.33 18.62 10.84
CA GLY B 185 13.58 19.38 10.83
C GLY B 185 14.47 19.10 12.02
N VAL B 186 14.29 17.92 12.62
CA VAL B 186 15.04 17.46 13.78
C VAL B 186 16.18 16.54 13.34
N TYR B 187 17.39 16.87 13.76
CA TYR B 187 18.58 16.07 13.51
C TYR B 187 18.71 14.90 14.54
N TRP B 188 18.44 13.67 14.10
CA TRP B 188 18.42 12.49 14.98
C TRP B 188 19.72 11.70 14.94
N MET B 189 20.26 11.41 16.12
CA MET B 189 21.32 10.43 16.22
C MET B 189 20.93 9.37 17.25
N VAL B 190 20.98 8.11 16.83
CA VAL B 190 20.57 6.97 17.63
C VAL B 190 21.77 6.06 17.80
N PHE B 191 22.24 5.88 19.02
CA PHE B 191 23.37 4.98 19.26
C PHE B 191 23.07 3.54 18.84
N LYS B 192 24.00 2.93 18.14
CA LYS B 192 23.83 1.55 17.73
C LYS B 192 23.72 0.63 18.98
N GLN B 193 24.57 0.84 19.98
CA GLN B 193 24.63 -0.07 21.12
C GLN B 193 23.64 0.34 22.21
N PRO B 194 22.80 -0.60 22.65
CA PRO B 194 21.94 -0.31 23.80
C PRO B 194 22.78 -0.30 25.08
N ILE B 195 22.31 0.41 26.10
CA ILE B 195 22.91 0.25 27.41
C ILE B 195 21.96 -0.66 28.12
N GLN B 196 22.36 -1.15 29.27
CA GLN B 196 21.57 -2.12 30.01
C GLN B 196 20.90 -1.50 31.23
N ALA B 197 19.72 -2.02 31.53
CA ALA B 197 19.04 -1.81 32.80
C ALA B 197 18.44 -3.16 33.26
N SER B 198 18.24 -3.33 34.57
CA SER B 198 17.69 -4.58 35.08
C SER B 198 16.23 -4.73 34.68
N VAL B 199 15.75 -5.99 34.64
CA VAL B 199 14.35 -6.28 34.35
C VAL B 199 13.42 -5.50 35.29
N THR B 200 13.77 -5.43 36.57
CA THR B 200 12.92 -4.75 37.54
C THR B 200 12.87 -3.24 37.29
N GLN B 201 14.01 -2.65 36.95
CA GLN B 201 14.12 -1.24 36.57
C GLN B 201 13.20 -0.90 35.38
N LEU B 202 13.36 -1.63 34.28
CA LEU B 202 12.54 -1.44 33.09
C LEU B 202 11.06 -1.59 33.40
N GLU B 203 10.75 -2.60 34.21
CA GLU B 203 9.37 -2.92 34.57
C GLU B 203 8.72 -1.77 35.35
N LYS B 204 9.46 -1.24 36.34
CA LYS B 204 9.00 -0.11 37.14
C LYS B 204 8.87 1.17 36.31
N MET B 205 9.84 1.43 35.44
CA MET B 205 9.75 2.58 34.53
C MET B 205 8.48 2.49 33.67
N HIS B 206 8.23 1.30 33.13
CA HIS B 206 7.07 1.10 32.28
C HIS B 206 5.78 1.33 33.04
N GLU B 207 5.75 0.80 34.25
CA GLU B 207 4.62 0.95 35.13
C GLU B 207 4.42 2.42 35.49
N TYR B 208 5.51 3.14 35.71
CA TYR B 208 5.46 4.58 36.00
C TYR B 208 4.93 5.46 34.85
N LEU B 209 5.57 5.30 33.68
CA LEU B 209 5.27 6.06 32.46
C LEU B 209 3.99 5.67 31.75
N GLY B 210 3.63 4.40 31.84
CA GLY B 210 2.60 3.84 31.00
C GLY B 210 3.23 3.55 29.65
N SER B 211 2.41 3.28 28.65
CA SER B 211 2.92 3.11 27.30
C SER B 211 2.92 4.45 26.65
N ASN B 212 4.11 5.01 26.45
CA ASN B 212 4.22 6.34 25.91
C ASN B 212 5.10 6.39 24.65
N ALA B 213 5.04 5.35 23.83
CA ALA B 213 5.81 5.30 22.59
C ALA B 213 4.92 5.53 21.37
N ARG B 214 5.34 6.41 20.46
CA ARG B 214 4.63 6.63 19.21
C ARG B 214 4.95 5.49 18.24
N PRO B 215 3.94 5.05 17.45
CA PRO B 215 4.20 4.05 16.40
C PRO B 215 5.26 4.50 15.38
N VAL B 216 5.97 3.51 14.85
CA VAL B 216 6.99 3.69 13.85
C VAL B 216 6.40 4.35 12.60
N GLN B 217 7.13 5.27 11.99
CA GLN B 217 6.67 6.02 10.82
C GLN B 217 7.41 5.57 9.57
N ARG B 218 6.83 5.86 8.41
CA ARG B 218 7.42 5.47 7.12
C ARG B 218 8.73 6.21 6.86
N GLN B 219 9.74 5.47 6.42
CA GLN B 219 11.02 6.07 6.09
C GLN B 219 10.90 6.98 4.86
N ASN B 220 10.01 6.60 3.93
CA ASN B 220 9.76 7.35 2.71
C ASN B 220 11.03 7.60 1.90
N ALA B 221 11.32 8.87 1.62
CA ALA B 221 12.45 9.20 0.77
C ALA B 221 13.79 9.28 1.51
N ARG B 222 13.79 8.96 2.80
CA ARG B 222 14.99 9.14 3.63
C ARG B 222 15.96 7.96 3.53
N THR B 223 17.24 8.28 3.60
CA THR B 223 18.31 7.29 3.74
C THR B 223 18.76 7.22 5.20
N LEU B 224 18.86 6.03 5.76
CA LEU B 224 19.37 5.89 7.12
C LEU B 224 20.92 5.80 7.07
N LEU B 225 21.62 6.71 7.76
CA LEU B 225 23.09 6.74 7.70
C LEU B 225 23.76 6.06 8.91
N LYS B 226 24.88 5.39 8.69
CA LYS B 226 25.73 4.92 9.79
C LYS B 226 26.88 5.91 9.94
N SER B 227 27.37 6.09 11.17
CA SER B 227 28.45 7.06 11.42
C SER B 227 29.84 6.51 11.09
N TRP B 228 29.89 5.27 10.60
CA TRP B 228 31.13 4.60 10.20
C TRP B 228 31.01 4.02 8.78
N PRO B 229 32.14 3.73 8.12
CA PRO B 229 32.16 3.13 6.76
C PRO B 229 32.01 1.60 6.72
N ASP B 230 31.62 1.06 5.56
CA ASP B 230 31.43 -0.39 5.41
C ASP B 230 32.77 -1.14 5.23
N PRO C 1 -34.34 0.42 -17.83
CA PRO C 1 -32.91 0.51 -17.49
C PRO C 1 -32.34 1.93 -17.66
N PRO C 2 -31.93 2.58 -16.56
CA PRO C 2 -31.54 4.01 -16.55
C PRO C 2 -30.22 4.28 -17.26
N HIS C 3 -30.02 5.50 -17.73
CA HIS C 3 -28.78 5.87 -18.41
C HIS C 3 -27.63 6.01 -17.40
N TRP C 4 -26.46 5.51 -17.80
CA TRP C 4 -25.24 5.62 -17.02
C TRP C 4 -24.08 5.99 -17.95
N GLY C 5 -23.01 6.56 -17.41
CA GLY C 5 -21.88 6.95 -18.23
C GLY C 5 -20.62 7.04 -17.40
N TYR C 6 -19.62 7.76 -17.88
CA TYR C 6 -18.35 7.78 -17.17
C TYR C 6 -18.01 9.14 -16.57
N PHE C 7 -18.96 10.08 -16.65
CA PHE C 7 -18.81 11.43 -16.08
C PHE C 7 -20.08 11.92 -15.40
N GLY C 8 -19.89 12.80 -14.41
CA GLY C 8 -21.00 13.46 -13.74
C GLY C 8 -21.75 12.58 -12.76
N GLU C 9 -23.03 12.91 -12.59
CA GLU C 9 -23.93 12.18 -11.70
C GLU C 9 -24.25 10.79 -12.23
N GLU C 10 -24.03 10.60 -13.53
CA GLU C 10 -24.13 9.28 -14.16
C GLU C 10 -22.86 8.43 -14.00
N GLY C 11 -21.75 9.08 -13.63
CA GLY C 11 -20.45 8.43 -13.49
C GLY C 11 -20.39 7.26 -12.52
N PRO C 12 -19.30 6.48 -12.58
CA PRO C 12 -19.15 5.21 -11.85
C PRO C 12 -19.41 5.27 -10.34
N GLN C 13 -19.05 6.37 -9.70
CA GLN C 13 -19.27 6.50 -8.25
C GLN C 13 -20.74 6.41 -7.83
N TYR C 14 -21.64 6.80 -8.73
CA TYR C 14 -23.06 6.81 -8.44
C TYR C 14 -23.84 5.64 -9.06
N TRP C 15 -23.16 4.78 -9.81
CA TRP C 15 -23.83 3.67 -10.51
C TRP C 15 -24.82 2.91 -9.67
N GLY C 16 -24.39 2.50 -8.48
CA GLY C 16 -25.23 1.69 -7.62
C GLY C 16 -26.48 2.39 -7.12
N GLU C 17 -26.49 3.72 -7.19
CA GLU C 17 -27.61 4.49 -6.70
C GLU C 17 -28.52 4.99 -7.80
N LEU C 18 -28.19 4.66 -9.05
CA LEU C 18 -28.97 5.11 -10.19
C LEU C 18 -30.28 4.33 -10.28
N ALA C 19 -30.27 3.11 -9.74
CA ALA C 19 -31.44 2.21 -9.82
C ALA C 19 -31.24 0.95 -8.98
N PRO C 20 -32.35 0.36 -8.51
CA PRO C 20 -32.31 -0.91 -7.77
C PRO C 20 -31.48 -1.99 -8.47
N GLU C 21 -31.63 -2.14 -9.78
CA GLU C 21 -30.90 -3.20 -10.50
C GLU C 21 -29.39 -2.91 -10.62
N PHE C 22 -28.98 -1.67 -10.33
CA PHE C 22 -27.55 -1.34 -10.36
C PHE C 22 -26.85 -1.46 -8.99
N SER C 23 -27.59 -1.83 -7.93
CA SER C 23 -27.07 -1.75 -6.55
C SER C 23 -25.76 -2.50 -6.30
N THR C 24 -25.52 -3.57 -7.07
CA THR C 24 -24.32 -4.38 -6.92
C THR C 24 -23.04 -3.60 -7.18
N CYS C 25 -23.14 -2.58 -8.03
CA CYS C 25 -22.00 -1.71 -8.31
C CYS C 25 -21.47 -1.08 -7.01
N LYS C 26 -22.36 -0.83 -6.04
CA LYS C 26 -21.94 -0.29 -4.75
C LYS C 26 -21.78 -1.32 -3.63
N THR C 27 -22.51 -2.43 -3.70
CA THR C 27 -22.53 -3.31 -2.55
C THR C 27 -21.66 -4.53 -2.78
N GLY C 28 -21.15 -4.67 -4.00
CA GLY C 28 -20.37 -5.84 -4.35
C GLY C 28 -19.02 -5.82 -3.67
N LYS C 29 -18.57 -7.01 -3.27
CA LYS C 29 -17.29 -7.21 -2.62
C LYS C 29 -16.33 -7.97 -3.53
N ASN C 30 -16.78 -8.27 -4.74
CA ASN C 30 -15.94 -8.93 -5.71
C ASN C 30 -16.02 -8.24 -7.07
N GLN C 31 -15.75 -6.95 -7.07
CA GLN C 31 -15.99 -6.09 -8.23
C GLN C 31 -14.74 -5.95 -9.10
N SER C 32 -14.94 -5.61 -10.38
CA SER C 32 -13.86 -5.36 -11.34
C SER C 32 -13.97 -3.93 -11.86
N PRO C 33 -12.84 -3.35 -12.33
CA PRO C 33 -11.49 -3.94 -12.36
C PRO C 33 -10.77 -3.83 -11.02
N ILE C 34 -9.56 -4.41 -10.96
CA ILE C 34 -8.70 -4.30 -9.80
C ILE C 34 -7.30 -3.83 -10.17
N ASN C 35 -6.59 -3.29 -9.18
CA ASN C 35 -5.17 -3.06 -9.31
C ASN C 35 -4.44 -4.39 -9.24
N LEU C 36 -3.71 -4.75 -10.30
CA LEU C 36 -2.99 -6.01 -10.32
C LEU C 36 -1.61 -5.76 -9.76
N LYS C 37 -1.31 -6.35 -8.62
CA LYS C 37 0.00 -6.18 -8.02
C LYS C 37 0.77 -7.49 -8.11
N PRO C 38 1.78 -7.54 -8.99
CA PRO C 38 2.54 -8.76 -9.26
C PRO C 38 3.20 -9.35 -8.01
N GLN C 39 3.54 -8.44 -7.11
CA GLN C 39 4.23 -8.74 -5.92
C GLN C 39 3.32 -9.51 -4.96
N THR C 40 2.05 -9.13 -4.93
CA THR C 40 0.95 -9.79 -4.22
C THR C 40 0.39 -11.08 -4.88
N ALA C 41 0.60 -11.26 -6.18
CA ALA C 41 -0.01 -12.39 -6.90
C ALA C 41 0.58 -13.75 -6.49
N VAL C 42 -0.28 -14.76 -6.44
CA VAL C 42 0.08 -16.09 -5.96
C VAL C 42 0.30 -17.11 -7.09
N GLY C 43 1.48 -17.71 -7.15
CA GLY C 43 1.77 -18.74 -8.15
C GLY C 43 0.97 -20.02 -8.02
N THR C 44 0.72 -20.70 -9.14
CA THR C 44 -0.07 -21.92 -9.11
C THR C 44 0.63 -23.08 -9.83
N THR C 45 0.18 -24.30 -9.55
CA THR C 45 0.81 -25.48 -10.13
C THR C 45 -0.18 -26.26 -10.98
N SER C 46 -1.46 -25.96 -10.84
CA SER C 46 -2.44 -26.63 -11.68
C SER C 46 -3.68 -25.78 -11.90
N LEU C 47 -3.49 -24.49 -12.12
CA LEU C 47 -4.58 -23.64 -12.55
C LEU C 47 -4.95 -24.07 -13.96
N PRO C 48 -6.24 -24.23 -14.23
CA PRO C 48 -6.59 -24.54 -15.61
C PRO C 48 -6.22 -23.43 -16.59
N GLY C 49 -5.68 -23.85 -17.73
CA GLY C 49 -5.48 -23.00 -18.89
C GLY C 49 -6.68 -23.11 -19.82
N PHE C 50 -6.59 -22.47 -20.98
CA PHE C 50 -7.73 -22.53 -21.91
C PHE C 50 -7.31 -22.79 -23.35
N ASP C 51 -8.25 -23.36 -24.09
CA ASP C 51 -8.05 -23.66 -25.51
C ASP C 51 -8.95 -22.74 -26.30
N VAL C 52 -8.41 -22.18 -27.36
CA VAL C 52 -9.12 -21.23 -28.19
C VAL C 52 -9.64 -21.87 -29.47
N TYR C 53 -10.94 -21.74 -29.70
CA TYR C 53 -11.53 -22.23 -30.93
C TYR C 53 -12.31 -21.09 -31.59
N TYR C 54 -11.56 -20.15 -32.16
CA TYR C 54 -12.17 -19.00 -32.82
C TYR C 54 -12.21 -19.20 -34.32
N ARG C 55 -13.34 -18.90 -34.91
CA ARG C 55 -13.39 -19.08 -36.34
C ARG C 55 -13.38 -17.73 -37.00
N GLU C 56 -12.78 -17.65 -38.20
CA GLU C 56 -12.73 -16.39 -38.96
C GLU C 56 -14.07 -16.05 -39.54
N THR C 57 -14.49 -14.83 -39.23
CA THR C 57 -15.80 -14.31 -39.57
C THR C 57 -15.77 -12.88 -40.08
N ALA C 58 -16.83 -12.48 -40.77
CA ALA C 58 -17.01 -11.11 -41.21
C ALA C 58 -16.96 -10.15 -40.02
N LEU C 59 -16.48 -8.93 -40.25
CA LEU C 59 -16.42 -7.93 -39.20
C LEU C 59 -17.79 -7.30 -38.96
N LYS C 60 -18.37 -7.56 -37.79
CA LYS C 60 -19.57 -6.85 -37.35
C LYS C 60 -19.16 -5.94 -36.21
N LEU C 61 -19.43 -4.65 -36.37
CA LEU C 61 -18.85 -3.65 -35.54
C LEU C 61 -19.89 -2.63 -35.06
N ILE C 62 -19.85 -2.24 -33.80
CA ILE C 62 -20.82 -1.24 -33.33
C ILE C 62 -20.28 -0.33 -32.23
N ASN C 63 -20.56 0.96 -32.34
CA ASN C 63 -20.35 1.91 -31.25
C ASN C 63 -21.63 2.12 -30.44
N ASN C 64 -21.78 1.42 -29.32
CA ASN C 64 -23.05 1.44 -28.61
C ASN C 64 -23.19 2.59 -27.61
N GLY C 65 -22.28 3.57 -27.66
CA GLY C 65 -22.34 4.68 -26.73
C GLY C 65 -21.39 4.57 -25.56
N HIS C 66 -21.15 3.36 -25.08
CA HIS C 66 -20.21 3.13 -23.98
C HIS C 66 -18.89 2.54 -24.45
N THR C 67 -18.88 1.89 -25.62
CA THR C 67 -17.63 1.34 -26.16
C THR C 67 -17.69 1.00 -27.67
N LEU C 68 -16.55 0.65 -28.25
CA LEU C 68 -16.52 0.05 -29.59
C LEU C 68 -16.53 -1.46 -29.46
N GLN C 69 -17.59 -2.08 -29.96
CA GLN C 69 -17.81 -3.51 -29.76
C GLN C 69 -17.86 -4.29 -31.08
N VAL C 70 -17.08 -5.36 -31.12
CA VAL C 70 -17.08 -6.29 -32.24
C VAL C 70 -17.93 -7.49 -31.90
N ASN C 71 -19.01 -7.70 -32.67
CA ASN C 71 -19.91 -8.82 -32.40
C ASN C 71 -19.52 -10.09 -33.15
N ILE C 72 -19.43 -11.18 -32.40
CA ILE C 72 -19.05 -12.45 -32.98
C ILE C 72 -20.25 -13.39 -33.18
N PRO C 73 -20.39 -13.93 -34.39
CA PRO C 73 -21.42 -14.92 -34.68
C PRO C 73 -21.21 -16.20 -33.87
N LEU C 74 -22.29 -16.96 -33.66
CA LEU C 74 -22.20 -18.24 -32.94
C LEU C 74 -21.26 -19.19 -33.70
N GLY C 75 -20.47 -19.95 -32.96
CA GLY C 75 -19.55 -20.90 -33.56
C GLY C 75 -18.15 -20.79 -32.97
N SER C 76 -17.88 -19.69 -32.30
CA SER C 76 -16.58 -19.47 -31.71
C SER C 76 -16.69 -19.65 -30.20
N TYR C 77 -15.71 -20.30 -29.59
CA TYR C 77 -15.76 -20.61 -28.18
C TYR C 77 -14.38 -20.87 -27.59
N ILE C 78 -14.27 -20.80 -26.26
CA ILE C 78 -13.06 -21.30 -25.62
C ILE C 78 -13.42 -22.44 -24.69
N LYS C 79 -12.41 -23.21 -24.31
CA LYS C 79 -12.59 -24.25 -23.33
C LYS C 79 -11.60 -24.08 -22.19
N ILE C 80 -12.11 -23.79 -21.00
CA ILE C 80 -11.30 -23.74 -19.78
C ILE C 80 -11.45 -25.06 -19.02
N ASN C 81 -10.43 -25.91 -19.07
CA ASN C 81 -10.50 -27.23 -18.43
C ASN C 81 -11.69 -28.06 -18.92
N GLY C 82 -11.93 -28.04 -20.23
CA GLY C 82 -13.01 -28.81 -20.84
C GLY C 82 -14.37 -28.15 -20.79
N HIS C 83 -14.50 -27.10 -20.00
CA HIS C 83 -15.74 -26.37 -19.90
C HIS C 83 -15.80 -25.29 -20.99
N ARG C 84 -16.92 -25.25 -21.71
CA ARG C 84 -16.99 -24.46 -22.94
C ARG C 84 -17.78 -23.16 -22.79
N TYR C 85 -17.17 -22.06 -23.22
CA TYR C 85 -17.83 -20.75 -23.21
C TYR C 85 -17.79 -20.20 -24.62
N GLU C 86 -18.91 -19.64 -25.07
CA GLU C 86 -19.01 -19.07 -26.41
C GLU C 86 -18.54 -17.62 -26.38
N LEU C 87 -17.69 -17.25 -27.33
CA LEU C 87 -17.30 -15.85 -27.54
C LEU C 87 -18.50 -15.05 -28.03
N LEU C 88 -18.88 -13.99 -27.30
CA LEU C 88 -20.03 -13.21 -27.72
C LEU C 88 -19.59 -11.99 -28.49
N GLN C 89 -18.54 -11.36 -27.98
CA GLN C 89 -18.06 -10.08 -28.49
C GLN C 89 -16.74 -9.68 -27.85
N TYR C 90 -16.04 -8.73 -28.46
CA TYR C 90 -14.95 -8.08 -27.76
C TYR C 90 -15.04 -6.57 -27.94
N HIS C 91 -14.47 -5.82 -27.00
CA HIS C 91 -14.58 -4.36 -26.98
C HIS C 91 -13.41 -3.69 -26.28
N PHE C 92 -13.39 -2.36 -26.28
CA PHE C 92 -12.21 -1.62 -25.85
C PHE C 92 -12.47 -0.61 -24.73
N HIS C 93 -11.47 -0.42 -23.88
CA HIS C 93 -11.52 0.66 -22.91
C HIS C 93 -10.25 1.51 -23.06
N THR C 94 -10.41 2.84 -23.09
CA THR C 94 -9.29 3.78 -22.97
C THR C 94 -9.65 4.76 -21.87
N PRO C 95 -8.77 4.90 -20.85
CA PRO C 95 -7.57 4.08 -20.64
C PRO C 95 -7.95 2.66 -20.20
N SER C 96 -6.97 1.80 -19.91
CA SER C 96 -7.25 0.48 -19.37
C SER C 96 -8.07 0.56 -18.06
N GLU C 97 -8.75 -0.52 -17.73
CA GLU C 97 -9.50 -0.57 -16.49
C GLU C 97 -8.66 -1.21 -15.38
N HIS C 98 -7.99 -2.31 -15.70
CA HIS C 98 -7.00 -2.91 -14.79
C HIS C 98 -5.73 -2.07 -14.77
N GLN C 99 -5.08 -2.03 -13.62
CA GLN C 99 -3.81 -1.36 -13.47
C GLN C 99 -2.75 -2.41 -13.20
N ARG C 100 -1.49 -2.04 -13.42
CA ARG C 100 -0.37 -2.79 -12.86
C ARG C 100 0.30 -1.85 -11.85
N ASP C 101 0.27 -2.22 -10.56
CA ASP C 101 0.83 -1.37 -9.49
C ASP C 101 0.35 0.07 -9.46
N GLY C 102 -0.94 0.26 -9.70
CA GLY C 102 -1.54 1.57 -9.59
C GLY C 102 -1.38 2.40 -10.87
N PHE C 103 -0.85 1.79 -11.92
CA PHE C 103 -0.69 2.50 -13.19
C PHE C 103 -1.63 1.95 -14.30
N ASN C 104 -2.36 2.85 -14.95
CA ASN C 104 -3.20 2.47 -16.07
C ASN C 104 -2.39 2.34 -17.35
N TYR C 105 -2.84 1.44 -18.21
CA TYR C 105 -2.32 1.35 -19.55
C TYR C 105 -3.19 2.23 -20.45
N PRO C 106 -2.67 2.64 -21.63
CA PRO C 106 -3.45 3.49 -22.55
C PRO C 106 -4.75 2.81 -23.01
N MET C 107 -4.74 1.49 -23.19
CA MET C 107 -5.93 0.77 -23.66
C MET C 107 -6.02 -0.66 -23.16
N GLU C 108 -7.24 -1.15 -22.99
CA GLU C 108 -7.51 -2.54 -22.62
C GLU C 108 -8.59 -3.10 -23.54
N MET C 109 -8.54 -4.40 -23.76
CA MET C 109 -9.45 -5.07 -24.67
C MET C 109 -10.11 -6.23 -23.93
N HIS C 110 -11.42 -6.40 -24.09
CA HIS C 110 -12.13 -7.46 -23.38
C HIS C 110 -12.80 -8.44 -24.35
N LEU C 111 -12.45 -9.72 -24.25
CA LEU C 111 -13.13 -10.77 -25.01
C LEU C 111 -14.14 -11.41 -24.09
N VAL C 112 -15.43 -11.22 -24.36
CA VAL C 112 -16.45 -11.72 -23.43
C VAL C 112 -17.03 -13.06 -23.86
N HIS C 113 -16.98 -14.04 -22.95
CA HIS C 113 -17.48 -15.39 -23.21
C HIS C 113 -18.61 -15.76 -22.26
N LYS C 114 -19.58 -16.53 -22.75
CA LYS C 114 -20.69 -16.98 -21.92
C LYS C 114 -20.99 -18.45 -22.22
N ASP C 115 -21.28 -19.23 -21.17
CA ASP C 115 -21.62 -20.64 -21.40
C ASP C 115 -23.11 -20.84 -21.44
N GLY C 116 -23.51 -22.11 -21.53
CA GLY C 116 -24.90 -22.51 -21.55
C GLY C 116 -25.70 -22.07 -20.33
N ASP C 117 -25.07 -21.98 -19.16
CA ASP C 117 -25.78 -21.61 -17.94
C ASP C 117 -25.81 -20.10 -17.58
N GLY C 118 -25.19 -19.24 -18.39
CA GLY C 118 -25.14 -17.81 -18.15
C GLY C 118 -23.87 -17.32 -17.46
N ASN C 119 -23.03 -18.27 -17.12
CA ASN C 119 -21.69 -18.06 -16.56
C ASN C 119 -20.78 -17.27 -17.48
N LEU C 120 -20.05 -16.32 -16.89
CA LEU C 120 -19.23 -15.42 -17.70
C LEU C 120 -17.74 -15.61 -17.49
N ALA C 121 -16.99 -15.61 -18.58
CA ALA C 121 -15.53 -15.59 -18.53
C ALA C 121 -15.01 -14.54 -19.49
N VAL C 122 -14.08 -13.70 -19.03
CA VAL C 122 -13.52 -12.66 -19.86
C VAL C 122 -12.01 -12.78 -19.95
N ILE C 123 -11.50 -12.63 -21.17
CA ILE C 123 -10.07 -12.52 -21.42
C ILE C 123 -9.79 -11.04 -21.66
N ALA C 124 -8.87 -10.49 -20.87
CA ALA C 124 -8.47 -9.11 -21.03
C ALA C 124 -7.05 -9.03 -21.57
N ILE C 125 -6.88 -8.15 -22.54
CA ILE C 125 -5.59 -7.88 -23.19
C ILE C 125 -5.22 -6.40 -23.00
N LEU C 126 -4.01 -6.16 -22.51
CA LEU C 126 -3.56 -4.80 -22.23
C LEU C 126 -2.71 -4.27 -23.38
N PHE C 127 -2.82 -2.97 -23.68
CA PHE C 127 -2.00 -2.29 -24.69
C PHE C 127 -0.96 -1.35 -24.10
N GLN C 128 0.24 -1.28 -24.67
CA GLN C 128 1.15 -0.17 -24.37
C GLN C 128 1.59 0.48 -25.68
N GLU C 129 2.06 1.74 -25.62
CA GLU C 129 2.52 2.44 -26.85
C GLU C 129 3.75 1.74 -27.38
N GLY C 130 3.91 1.71 -28.70
CA GLY C 130 5.05 1.05 -29.30
C GLY C 130 4.89 0.88 -30.79
N GLU C 131 5.24 -0.31 -31.30
CA GLU C 131 5.13 -0.58 -32.73
C GLU C 131 3.67 -0.47 -33.15
N GLU C 132 3.44 -0.02 -34.38
CA GLU C 132 2.09 0.01 -34.89
C GLU C 132 1.56 -1.40 -34.94
N ASN C 133 0.30 -1.57 -34.54
CA ASN C 133 -0.39 -2.87 -34.56
C ASN C 133 -1.17 -3.09 -35.85
N GLU C 134 -0.80 -4.10 -36.62
CA GLU C 134 -1.44 -4.36 -37.92
C GLU C 134 -2.89 -4.83 -37.81
N THR C 135 -3.17 -5.74 -36.87
CA THR C 135 -4.54 -6.21 -36.65
C THR C 135 -5.46 -5.08 -36.20
N LEU C 136 -4.95 -4.23 -35.31
CA LEU C 136 -5.69 -3.05 -34.88
C LEU C 136 -5.98 -2.10 -36.03
N ALA C 137 -5.00 -1.91 -36.90
CA ALA C 137 -5.11 -0.97 -38.01
C ALA C 137 -6.22 -1.38 -38.96
N LYS C 138 -6.39 -2.68 -39.15
CA LYS C 138 -7.52 -3.18 -39.92
C LYS C 138 -8.82 -2.71 -39.27
N LEU C 139 -8.93 -2.92 -37.98
CA LEU C 139 -10.15 -2.61 -37.23
C LEU C 139 -10.54 -1.13 -37.36
N MET C 140 -9.55 -0.26 -37.24
CA MET C 140 -9.75 1.21 -37.21
C MET C 140 -10.17 1.86 -38.53
N SER C 141 -9.89 1.18 -39.64
CA SER C 141 -10.33 1.65 -40.94
C SER C 141 -11.85 1.72 -41.00
N PHE C 142 -12.49 0.91 -40.16
CA PHE C 142 -13.94 0.77 -40.19
C PHE C 142 -14.65 1.26 -38.95
N LEU C 143 -13.97 2.09 -38.16
CA LEU C 143 -14.62 2.72 -37.02
C LEU C 143 -15.93 3.36 -37.49
N PRO C 144 -17.08 2.87 -36.96
CA PRO C 144 -18.42 3.32 -37.31
C PRO C 144 -18.55 4.80 -36.99
N GLN C 145 -19.14 5.61 -37.87
CA GLN C 145 -19.34 7.01 -37.47
C GLN C 145 -20.75 7.35 -37.03
N THR C 146 -21.58 6.32 -36.98
CA THR C 146 -22.93 6.49 -36.49
C THR C 146 -23.04 5.66 -35.21
N LEU C 147 -23.66 6.23 -34.19
CA LEU C 147 -23.85 5.52 -32.95
C LEU C 147 -24.94 4.47 -33.09
N LYS C 148 -24.67 3.31 -32.50
CA LYS C 148 -25.66 2.25 -32.35
C LYS C 148 -26.19 1.69 -33.69
N LYS C 149 -25.36 1.80 -34.72
CA LYS C 149 -25.53 1.14 -36.01
C LYS C 149 -24.91 -0.25 -35.88
N GLN C 150 -24.98 -1.13 -36.88
CA GLN C 150 -24.33 -2.44 -36.72
C GLN C 150 -23.16 -2.65 -37.66
N GLU C 151 -23.11 -1.91 -38.77
CA GLU C 151 -21.89 -1.78 -39.56
C GLU C 151 -21.22 -3.12 -39.91
N ILE C 152 -21.77 -3.87 -40.86
CA ILE C 152 -21.14 -5.12 -41.31
C ILE C 152 -20.23 -4.90 -42.52
N HIS C 153 -19.09 -5.59 -42.55
CA HIS C 153 -18.18 -5.61 -43.70
C HIS C 153 -17.84 -7.05 -44.11
N GLU C 154 -18.45 -7.59 -45.20
CA GLU C 154 -18.31 -9.03 -45.51
C GLU C 154 -16.86 -9.40 -45.64
N SER C 155 -16.09 -8.50 -46.27
CA SER C 155 -14.76 -8.84 -46.76
C SER C 155 -13.62 -8.64 -45.76
N VAL C 156 -13.96 -8.20 -44.56
CA VAL C 156 -12.95 -8.02 -43.55
C VAL C 156 -13.01 -9.12 -42.51
N LYS C 157 -11.96 -9.91 -42.50
CA LYS C 157 -11.86 -11.01 -41.56
C LYS C 157 -10.71 -10.73 -40.60
N ILE C 158 -11.04 -10.64 -39.32
CA ILE C 158 -10.05 -10.48 -38.29
C ILE C 158 -10.19 -11.60 -37.27
N HIS C 159 -9.17 -12.43 -37.16
CA HIS C 159 -9.19 -13.48 -36.17
C HIS C 159 -8.85 -12.87 -34.79
N PRO C 160 -9.76 -13.01 -33.81
CA PRO C 160 -9.57 -12.38 -32.50
C PRO C 160 -8.30 -12.80 -31.75
N ALA C 161 -7.75 -13.96 -32.04
CA ALA C 161 -6.54 -14.41 -31.34
C ALA C 161 -5.30 -13.73 -31.89
N LYS C 162 -5.47 -12.99 -32.99
CA LYS C 162 -4.41 -12.14 -33.56
C LYS C 162 -4.04 -11.07 -32.52
N PHE C 163 -4.96 -10.76 -31.63
CA PHE C 163 -4.73 -9.81 -30.54
C PHE C 163 -3.99 -10.40 -29.32
N PHE C 164 -3.78 -11.71 -29.31
CA PHE C 164 -3.12 -12.33 -28.16
C PHE C 164 -1.63 -12.01 -28.10
N PRO C 165 -1.11 -11.78 -26.89
CA PRO C 165 0.34 -11.58 -26.76
C PRO C 165 1.09 -12.87 -27.03
N ALA C 166 2.37 -12.77 -27.34
CA ALA C 166 3.21 -13.95 -27.56
C ALA C 166 3.39 -14.76 -26.27
N ASP C 167 3.69 -14.07 -25.16
CA ASP C 167 3.69 -14.69 -23.84
C ASP C 167 2.25 -14.96 -23.42
N LYS C 168 1.98 -16.20 -23.00
CA LYS C 168 0.62 -16.60 -22.67
C LYS C 168 0.33 -16.65 -21.16
N LYS C 169 1.32 -16.29 -20.35
CA LYS C 169 1.12 -16.20 -18.90
C LYS C 169 -0.02 -15.20 -18.62
N PHE C 170 -0.87 -15.49 -17.64
CA PHE C 170 -1.97 -14.59 -17.30
C PHE C 170 -2.26 -14.60 -15.81
N TYR C 171 -3.01 -13.59 -15.37
CA TYR C 171 -3.56 -13.52 -14.01
C TYR C 171 -5.02 -13.94 -14.07
N LYS C 172 -5.48 -14.64 -13.04
CA LYS C 172 -6.89 -14.95 -12.96
C LYS C 172 -7.41 -14.56 -11.58
N TYR C 173 -8.66 -14.11 -11.55
CA TYR C 173 -9.36 -13.84 -10.29
C TYR C 173 -10.86 -13.84 -10.54
N SER C 174 -11.62 -13.92 -9.45
CA SER C 174 -13.07 -13.90 -9.50
C SER C 174 -13.56 -12.45 -9.40
N GLY C 175 -14.29 -11.99 -10.41
CA GLY C 175 -14.71 -10.61 -10.47
C GLY C 175 -16.11 -10.34 -10.99
N SER C 176 -16.23 -9.19 -11.64
CA SER C 176 -17.53 -8.75 -12.13
C SER C 176 -17.45 -8.10 -13.52
N LEU C 177 -18.61 -7.76 -14.08
CA LEU C 177 -18.67 -6.82 -15.19
C LEU C 177 -18.15 -5.46 -14.72
N THR C 178 -17.57 -4.66 -15.61
CA THR C 178 -17.01 -3.36 -15.22
C THR C 178 -17.97 -2.22 -15.57
N THR C 179 -19.16 -2.61 -16.02
CA THR C 179 -20.27 -1.70 -16.32
C THR C 179 -21.54 -2.18 -15.62
N PRO C 180 -22.49 -1.27 -15.35
CA PRO C 180 -23.79 -1.70 -14.81
C PRO C 180 -24.41 -2.82 -15.64
N PRO C 181 -25.06 -3.80 -15.00
CA PRO C 181 -25.32 -3.88 -13.55
C PRO C 181 -24.17 -4.40 -12.66
N CYS C 182 -22.94 -4.48 -13.18
CA CYS C 182 -21.78 -4.91 -12.41
C CYS C 182 -21.99 -6.29 -11.80
N SER C 183 -22.63 -7.16 -12.58
CA SER C 183 -22.94 -8.51 -12.14
C SER C 183 -21.67 -9.25 -11.75
N GLU C 184 -21.70 -9.92 -10.62
CA GLU C 184 -20.55 -10.67 -10.16
C GLU C 184 -20.62 -12.13 -10.68
N GLY C 185 -19.62 -12.94 -10.36
CA GLY C 185 -19.56 -14.31 -10.85
C GLY C 185 -18.82 -14.40 -12.18
N VAL C 186 -17.98 -13.42 -12.48
CA VAL C 186 -17.23 -13.39 -13.74
C VAL C 186 -15.82 -13.99 -13.61
N TYR C 187 -15.52 -14.95 -14.47
CA TYR C 187 -14.21 -15.58 -14.50
C TYR C 187 -13.22 -14.74 -15.29
N TRP C 188 -12.33 -14.04 -14.59
CA TRP C 188 -11.43 -13.10 -15.27
C TRP C 188 -10.07 -13.69 -15.55
N MET C 189 -9.61 -13.57 -16.78
CA MET C 189 -8.21 -13.82 -17.06
C MET C 189 -7.61 -12.63 -17.78
N VAL C 190 -6.52 -12.12 -17.22
CA VAL C 190 -5.82 -10.95 -17.73
C VAL C 190 -4.41 -11.35 -18.10
N PHE C 191 -4.06 -11.20 -19.37
CA PHE C 191 -2.70 -11.49 -19.81
C PHE C 191 -1.63 -10.59 -19.15
N LYS C 192 -0.55 -11.18 -18.65
CA LYS C 192 0.56 -10.42 -18.06
C LYS C 192 1.24 -9.51 -19.09
N GLN C 193 1.52 -10.02 -20.28
CA GLN C 193 2.25 -9.23 -21.27
C GLN C 193 1.27 -8.33 -22.03
N PRO C 194 1.56 -7.02 -22.08
CA PRO C 194 0.76 -6.11 -22.92
C PRO C 194 1.14 -6.34 -24.38
N ILE C 195 0.24 -6.03 -25.30
CA ILE C 195 0.61 -6.00 -26.72
C ILE C 195 0.84 -4.55 -27.08
N GLN C 196 1.40 -4.31 -28.25
CA GLN C 196 1.70 -2.94 -28.66
C GLN C 196 0.75 -2.38 -29.71
N ALA C 197 0.53 -1.08 -29.59
CA ALA C 197 -0.12 -0.28 -30.58
C ALA C 197 0.71 1.00 -30.68
N SER C 198 0.65 1.65 -31.83
CA SER C 198 1.33 2.92 -32.02
C SER C 198 0.63 4.01 -31.22
N VAL C 199 1.39 5.05 -30.90
CA VAL C 199 0.89 6.23 -30.20
C VAL C 199 -0.27 6.89 -30.93
N THR C 200 -0.14 7.01 -32.26
CA THR C 200 -1.16 7.65 -33.06
C THR C 200 -2.43 6.77 -33.06
N GLN C 201 -2.25 5.45 -33.11
CA GLN C 201 -3.39 4.54 -32.91
C GLN C 201 -4.08 4.74 -31.55
N LEU C 202 -3.29 4.67 -30.46
CA LEU C 202 -3.81 4.83 -29.11
C LEU C 202 -4.54 6.16 -28.92
N GLU C 203 -3.96 7.22 -29.46
CA GLU C 203 -4.59 8.53 -29.36
C GLU C 203 -5.93 8.59 -30.11
N LYS C 204 -5.99 7.99 -31.30
CA LYS C 204 -7.24 7.97 -32.07
C LYS C 204 -8.33 7.16 -31.37
N MET C 205 -7.99 5.98 -30.83
CA MET C 205 -8.96 5.19 -30.05
C MET C 205 -9.55 5.96 -28.87
N HIS C 206 -8.68 6.68 -28.15
CA HIS C 206 -9.10 7.47 -26.99
C HIS C 206 -10.02 8.63 -27.38
N GLU C 207 -9.70 9.31 -28.47
CA GLU C 207 -10.55 10.41 -28.96
C GLU C 207 -11.94 9.86 -29.36
N TYR C 208 -11.93 8.71 -30.02
CA TYR C 208 -13.14 8.02 -30.44
C TYR C 208 -13.98 7.50 -29.27
N LEU C 209 -13.35 6.76 -28.37
CA LEU C 209 -14.06 6.23 -27.21
C LEU C 209 -14.30 7.29 -26.16
N GLY C 210 -13.35 8.21 -26.01
CA GLY C 210 -13.37 9.08 -24.84
C GLY C 210 -12.83 8.27 -23.68
N SER C 211 -13.03 8.76 -22.45
CA SER C 211 -12.62 7.99 -21.28
C SER C 211 -13.74 7.06 -20.81
N ASN C 212 -13.59 5.75 -21.02
CA ASN C 212 -14.63 4.79 -20.62
C ASN C 212 -14.11 3.66 -19.73
N ALA C 213 -13.24 4.01 -18.80
CA ALA C 213 -12.70 3.07 -17.82
C ALA C 213 -13.32 3.26 -16.43
N ARG C 214 -13.70 2.16 -15.77
CA ARG C 214 -14.18 2.19 -14.40
C ARG C 214 -12.99 2.28 -13.44
N PRO C 215 -13.13 3.04 -12.35
CA PRO C 215 -12.06 3.02 -11.36
C PRO C 215 -11.82 1.62 -10.78
N VAL C 216 -10.61 1.41 -10.32
CA VAL C 216 -10.21 0.18 -9.68
C VAL C 216 -11.03 -0.09 -8.40
N GLN C 217 -11.31 -1.35 -8.13
CA GLN C 217 -12.14 -1.73 -6.99
C GLN C 217 -11.30 -2.44 -5.93
N ARG C 218 -11.82 -2.50 -4.70
CA ARG C 218 -11.08 -3.14 -3.63
C ARG C 218 -11.00 -4.64 -3.84
N GLN C 219 -9.81 -5.20 -3.66
CA GLN C 219 -9.59 -6.62 -3.83
C GLN C 219 -10.32 -7.49 -2.78
N ASN C 220 -10.42 -6.95 -1.56
CA ASN C 220 -11.07 -7.62 -0.41
C ASN C 220 -10.51 -9.00 -0.07
N ALA C 221 -11.39 -10.00 0.02
CA ALA C 221 -10.98 -11.32 0.46
C ALA C 221 -10.39 -12.18 -0.70
N ARG C 222 -10.26 -11.59 -1.88
CA ARG C 222 -9.79 -12.32 -3.05
C ARG C 222 -8.27 -12.45 -3.11
N THR C 223 -7.82 -13.59 -3.59
CA THR C 223 -6.42 -13.83 -3.90
C THR C 223 -6.23 -13.70 -5.42
N LEU C 224 -5.23 -12.94 -5.85
CA LEU C 224 -4.92 -12.83 -7.28
C LEU C 224 -3.96 -13.93 -7.70
N LEU C 225 -4.36 -14.74 -8.69
CA LEU C 225 -3.55 -15.90 -9.08
C LEU C 225 -2.70 -15.65 -10.34
N LYS C 226 -1.52 -16.26 -10.37
CA LYS C 226 -0.71 -16.35 -11.58
C LYS C 226 -0.91 -17.72 -12.19
N SER C 227 -0.81 -17.80 -13.52
CA SER C 227 -1.02 -19.04 -14.23
C SER C 227 0.24 -19.93 -14.26
N TRP C 228 1.29 -19.48 -13.60
CA TRP C 228 2.55 -20.20 -13.55
C TRP C 228 3.05 -20.28 -12.10
N PRO C 229 3.97 -21.21 -11.82
CA PRO C 229 4.53 -21.35 -10.46
C PRO C 229 5.60 -20.31 -10.13
N ASP C 230 5.88 -20.10 -8.85
CA ASP C 230 6.91 -19.14 -8.42
C ASP C 230 8.30 -19.73 -8.53
N PRO D 1 -33.90 -6.91 12.90
CA PRO D 1 -33.50 -8.10 12.14
C PRO D 1 -34.46 -9.24 12.37
N PRO D 2 -35.19 -9.66 11.34
CA PRO D 2 -36.27 -10.63 11.50
C PRO D 2 -35.75 -12.01 11.90
N HIS D 3 -36.66 -12.82 12.44
CA HIS D 3 -36.29 -14.17 12.87
C HIS D 3 -35.98 -15.03 11.64
N TRP D 4 -34.91 -15.80 11.72
CA TRP D 4 -34.56 -16.76 10.66
C TRP D 4 -34.12 -18.04 11.32
N GLY D 5 -34.19 -19.14 10.57
CA GLY D 5 -33.82 -20.43 11.09
C GLY D 5 -33.43 -21.37 9.99
N TYR D 6 -33.48 -22.67 10.27
CA TYR D 6 -33.00 -23.65 9.33
C TYR D 6 -34.08 -24.58 8.77
N PHE D 7 -35.35 -24.31 9.11
CA PHE D 7 -36.46 -25.10 8.55
C PHE D 7 -37.68 -24.25 8.21
N GLY D 8 -38.48 -24.69 7.25
CA GLY D 8 -39.71 -24.02 6.90
C GLY D 8 -39.55 -22.75 6.10
N GLU D 9 -40.50 -21.82 6.30
CA GLU D 9 -40.48 -20.53 5.63
C GLU D 9 -39.32 -19.66 6.11
N GLU D 10 -38.80 -19.99 7.29
CA GLU D 10 -37.61 -19.34 7.84
C GLU D 10 -36.27 -19.91 7.34
N GLY D 11 -36.29 -21.11 6.76
CA GLY D 11 -35.10 -21.81 6.29
C GLY D 11 -34.28 -21.11 5.22
N PRO D 12 -33.07 -21.65 4.94
CA PRO D 12 -32.08 -21.02 4.05
C PRO D 12 -32.58 -20.64 2.65
N GLN D 13 -33.46 -21.44 2.07
CA GLN D 13 -34.03 -21.13 0.75
C GLN D 13 -34.84 -19.81 0.76
N TYR D 14 -35.38 -19.44 1.91
CA TYR D 14 -36.14 -18.19 2.01
C TYR D 14 -35.38 -16.99 2.65
N TRP D 15 -34.14 -17.22 3.11
CA TRP D 15 -33.35 -16.17 3.79
C TRP D 15 -33.33 -14.86 2.99
N GLY D 16 -33.07 -14.97 1.69
CA GLY D 16 -32.94 -13.82 0.84
C GLY D 16 -34.20 -13.00 0.67
N GLU D 17 -35.35 -13.58 0.97
CA GLU D 17 -36.61 -12.90 0.85
C GLU D 17 -37.24 -12.45 2.18
N LEU D 18 -36.59 -12.79 3.31
CA LEU D 18 -37.14 -12.50 4.65
C LEU D 18 -37.06 -11.03 4.99
N ALA D 19 -36.09 -10.36 4.41
CA ALA D 19 -35.89 -8.94 4.63
C ALA D 19 -34.80 -8.42 3.69
N PRO D 20 -34.91 -7.15 3.27
CA PRO D 20 -33.93 -6.48 2.40
C PRO D 20 -32.47 -6.59 2.81
N GLU D 21 -32.13 -6.53 4.10
CA GLU D 21 -30.72 -6.59 4.51
C GLU D 21 -30.17 -7.99 4.30
N PHE D 22 -31.07 -8.97 4.17
CA PHE D 22 -30.69 -10.36 3.93
C PHE D 22 -30.58 -10.72 2.42
N SER D 23 -30.83 -9.77 1.53
CA SER D 23 -30.94 -10.05 0.09
C SER D 23 -29.72 -10.76 -0.54
N THR D 24 -28.53 -10.53 0.01
CA THR D 24 -27.32 -11.18 -0.53
C THR D 24 -27.34 -12.73 -0.38
N CYS D 25 -28.07 -13.25 0.60
CA CYS D 25 -28.23 -14.70 0.76
C CYS D 25 -28.76 -15.32 -0.52
N LYS D 26 -29.58 -14.55 -1.22
CA LYS D 26 -30.17 -14.98 -2.47
C LYS D 26 -29.45 -14.43 -3.71
N THR D 27 -28.77 -13.29 -3.59
CA THR D 27 -28.27 -12.57 -4.76
C THR D 27 -26.77 -12.76 -4.99
N GLY D 28 -26.09 -13.31 -4.00
CA GLY D 28 -24.65 -13.44 -4.04
C GLY D 28 -24.17 -14.49 -5.01
N LYS D 29 -23.01 -14.25 -5.60
CA LYS D 29 -22.35 -15.19 -6.49
C LYS D 29 -21.06 -15.73 -5.85
N ASN D 30 -20.77 -15.29 -4.62
CA ASN D 30 -19.59 -15.74 -3.89
C ASN D 30 -19.97 -16.17 -2.48
N GLN D 31 -20.91 -17.10 -2.41
CA GLN D 31 -21.51 -17.52 -1.15
C GLN D 31 -20.86 -18.77 -0.55
N SER D 32 -21.03 -18.94 0.75
CA SER D 32 -20.55 -20.10 1.51
C SER D 32 -21.70 -20.84 2.21
N PRO D 33 -21.54 -22.14 2.49
CA PRO D 33 -20.38 -22.96 2.13
C PRO D 33 -20.41 -23.42 0.67
N ILE D 34 -19.36 -24.11 0.25
CA ILE D 34 -19.30 -24.71 -1.07
C ILE D 34 -18.91 -26.18 -0.95
N ASN D 35 -19.25 -26.99 -1.95
CA ASN D 35 -18.68 -28.33 -2.02
C ASN D 35 -17.20 -28.26 -2.38
N LEU D 36 -16.36 -28.76 -1.46
CA LEU D 36 -14.93 -28.71 -1.69
C LEU D 36 -14.56 -29.99 -2.42
N LYS D 37 -14.16 -29.85 -3.69
CA LYS D 37 -13.76 -31.01 -4.47
C LYS D 37 -12.26 -30.93 -4.62
N PRO D 38 -11.54 -31.83 -3.92
CA PRO D 38 -10.07 -31.86 -3.87
C PRO D 38 -9.41 -32.03 -5.24
N GLN D 39 -10.02 -32.78 -6.14
CA GLN D 39 -9.48 -32.97 -7.50
C GLN D 39 -9.45 -31.66 -8.28
N THR D 40 -10.48 -30.84 -8.05
CA THR D 40 -10.65 -29.56 -8.74
C THR D 40 -9.72 -28.45 -8.19
N ALA D 41 -9.26 -28.59 -6.95
CA ALA D 41 -8.48 -27.57 -6.26
C ALA D 41 -7.07 -27.35 -6.84
N VAL D 42 -6.65 -26.09 -6.78
CA VAL D 42 -5.41 -25.63 -7.36
C VAL D 42 -4.26 -25.42 -6.38
N GLY D 43 -3.14 -26.09 -6.66
CA GLY D 43 -1.93 -25.95 -5.86
C GLY D 43 -1.34 -24.55 -5.97
N THR D 44 -0.69 -24.11 -4.91
CA THR D 44 -0.11 -22.79 -4.87
C THR D 44 1.33 -22.89 -4.43
N THR D 45 2.11 -21.85 -4.70
CA THR D 45 3.52 -21.86 -4.36
C THR D 45 3.79 -20.74 -3.39
N SER D 46 2.86 -19.82 -3.23
CA SER D 46 3.05 -18.72 -2.27
C SER D 46 1.76 -18.14 -1.71
N LEU D 47 0.82 -19.02 -1.38
CA LEU D 47 -0.36 -18.58 -0.65
C LEU D 47 0.07 -18.16 0.74
N PRO D 48 -0.41 -17.00 1.19
CA PRO D 48 -0.05 -16.69 2.58
C PRO D 48 -0.63 -17.69 3.58
N GLY D 49 0.20 -18.07 4.53
CA GLY D 49 -0.23 -18.84 5.68
C GLY D 49 -0.58 -17.86 6.78
N PHE D 50 -0.88 -18.38 7.95
CA PHE D 50 -1.25 -17.52 9.05
C PHE D 50 -0.59 -17.98 10.33
N ASP D 51 -0.36 -17.03 11.22
CA ASP D 51 0.27 -17.30 12.50
C ASP D 51 -0.74 -17.05 13.60
N VAL D 52 -0.77 -17.92 14.60
CA VAL D 52 -1.77 -17.80 15.65
C VAL D 52 -1.25 -17.18 16.95
N TYR D 53 -1.94 -16.14 17.42
CA TYR D 53 -1.62 -15.49 18.68
C TYR D 53 -2.84 -15.45 19.58
N TYR D 54 -3.19 -16.59 20.14
CA TYR D 54 -4.33 -16.67 21.06
C TYR D 54 -3.84 -16.71 22.51
N ARG D 55 -4.52 -15.99 23.38
CA ARG D 55 -4.15 -16.00 24.79
C ARG D 55 -5.23 -16.74 25.58
N GLU D 56 -4.85 -17.31 26.71
CA GLU D 56 -5.82 -18.01 27.54
C GLU D 56 -6.72 -17.07 28.35
N THR D 57 -8.03 -17.30 28.26
CA THR D 57 -9.04 -16.42 28.84
C THR D 57 -10.15 -17.23 29.47
N ALA D 58 -10.92 -16.61 30.37
CA ALA D 58 -12.08 -17.28 30.93
C ALA D 58 -13.03 -17.72 29.81
N LEU D 59 -13.74 -18.82 30.07
CA LEU D 59 -14.69 -19.37 29.12
C LEU D 59 -16.01 -18.60 29.14
N LYS D 60 -16.34 -17.92 28.05
CA LYS D 60 -17.68 -17.31 27.90
C LYS D 60 -18.46 -18.03 26.78
N LEU D 61 -19.67 -18.48 27.13
CA LEU D 61 -20.42 -19.42 26.32
C LEU D 61 -21.91 -19.08 26.18
N ILE D 62 -22.48 -19.19 24.98
CA ILE D 62 -23.92 -18.92 24.82
C ILE D 62 -24.60 -19.79 23.74
N ASN D 63 -25.79 -20.31 24.06
CA ASN D 63 -26.65 -20.88 23.03
C ASN D 63 -27.61 -19.82 22.53
N ASN D 64 -27.24 -19.17 21.43
CA ASN D 64 -27.98 -18.01 20.95
C ASN D 64 -29.17 -18.37 20.07
N GLY D 65 -29.53 -19.66 20.05
CA GLY D 65 -30.66 -20.07 19.26
C GLY D 65 -30.31 -20.66 17.93
N HIS D 66 -29.24 -20.14 17.32
CA HIS D 66 -28.78 -20.62 16.02
C HIS D 66 -27.54 -21.52 16.12
N THR D 67 -26.78 -21.39 17.19
CA THR D 67 -25.57 -22.18 17.39
C THR D 67 -25.15 -22.15 18.86
N LEU D 68 -24.12 -22.93 19.18
CA LEU D 68 -23.39 -22.80 20.44
C LEU D 68 -22.13 -21.95 20.20
N GLN D 69 -22.07 -20.80 20.85
CA GLN D 69 -21.03 -19.84 20.57
C GLN D 69 -20.17 -19.46 21.78
N VAL D 70 -18.85 -19.53 21.59
CA VAL D 70 -17.86 -19.11 22.59
C VAL D 70 -17.30 -17.71 22.33
N ASN D 71 -17.55 -16.79 23.24
CA ASN D 71 -17.09 -15.41 23.04
C ASN D 71 -15.68 -15.21 23.59
N ILE D 72 -14.79 -14.69 22.76
CA ILE D 72 -13.40 -14.45 23.15
C ILE D 72 -13.18 -13.00 23.53
N PRO D 73 -12.60 -12.75 24.71
CA PRO D 73 -12.24 -11.37 25.10
C PRO D 73 -11.17 -10.77 24.18
N LEU D 74 -11.13 -9.44 24.09
CA LEU D 74 -10.17 -8.78 23.23
C LEU D 74 -8.74 -9.14 23.65
N GLY D 75 -7.87 -9.30 22.67
CA GLY D 75 -6.48 -9.59 22.92
C GLY D 75 -5.94 -10.73 22.11
N SER D 76 -6.83 -11.50 21.52
CA SER D 76 -6.41 -12.66 20.76
C SER D 76 -6.53 -12.37 19.27
N TYR D 77 -5.57 -12.82 18.49
CA TYR D 77 -5.58 -12.48 17.08
C TYR D 77 -4.78 -13.47 16.21
N ILE D 78 -5.02 -13.42 14.91
CA ILE D 78 -4.16 -14.10 13.94
C ILE D 78 -3.50 -13.06 13.04
N LYS D 79 -2.45 -13.47 12.34
CA LYS D 79 -1.82 -12.65 11.33
C LYS D 79 -1.73 -13.45 10.03
N ILE D 80 -2.43 -13.00 8.99
CA ILE D 80 -2.30 -13.55 7.65
C ILE D 80 -1.36 -12.66 6.86
N ASN D 81 -0.12 -13.12 6.63
CA ASN D 81 0.89 -12.35 5.89
C ASN D 81 1.15 -10.95 6.48
N GLY D 82 1.23 -10.88 7.80
CA GLY D 82 1.47 -9.62 8.50
C GLY D 82 0.21 -8.81 8.74
N HIS D 83 -0.89 -9.21 8.11
CA HIS D 83 -2.17 -8.54 8.31
C HIS D 83 -2.97 -9.18 9.47
N ARG D 84 -3.42 -8.34 10.39
CA ARG D 84 -3.95 -8.81 11.68
C ARG D 84 -5.48 -8.78 11.79
N TYR D 85 -6.07 -9.88 12.25
CA TYR D 85 -7.50 -9.97 12.51
C TYR D 85 -7.75 -10.42 13.96
N GLU D 86 -8.73 -9.82 14.64
CA GLU D 86 -9.02 -10.21 16.02
C GLU D 86 -9.99 -11.38 16.13
N LEU D 87 -9.65 -12.38 16.95
CA LEU D 87 -10.56 -13.47 17.27
C LEU D 87 -11.75 -12.96 18.07
N LEU D 88 -12.95 -13.14 17.53
CA LEU D 88 -14.12 -12.59 18.18
C LEU D 88 -14.84 -13.69 18.94
N GLN D 89 -14.91 -14.85 18.29
CA GLN D 89 -15.71 -15.95 18.78
C GLN D 89 -15.48 -17.17 17.90
N TYR D 90 -15.84 -18.34 18.40
CA TYR D 90 -15.99 -19.52 17.55
C TYR D 90 -17.28 -20.25 17.88
N HIS D 91 -17.79 -21.02 16.92
CA HIS D 91 -19.07 -21.70 17.07
C HIS D 91 -19.13 -22.99 16.24
N PHE D 92 -20.24 -23.71 16.39
CA PHE D 92 -20.33 -25.06 15.87
C PHE D 92 -21.55 -25.25 14.98
N HIS D 93 -21.40 -26.10 13.97
CA HIS D 93 -22.50 -26.50 13.11
C HIS D 93 -22.61 -28.03 13.06
N THR D 94 -23.85 -28.52 13.17
CA THR D 94 -24.13 -29.94 12.95
C THR D 94 -25.29 -30.10 11.94
N PRO D 95 -25.04 -30.82 10.83
CA PRO D 95 -23.73 -31.32 10.39
C PRO D 95 -22.82 -30.19 9.85
N SER D 96 -21.65 -30.56 9.35
CA SER D 96 -20.73 -29.60 8.72
C SER D 96 -21.42 -28.85 7.61
N GLU D 97 -20.89 -27.67 7.29
CA GLU D 97 -21.47 -26.90 6.22
C GLU D 97 -20.75 -27.18 4.90
N HIS D 98 -19.43 -27.22 4.95
CA HIS D 98 -18.61 -27.60 3.82
C HIS D 98 -18.70 -29.10 3.58
N GLN D 99 -18.62 -29.50 2.32
CA GLN D 99 -18.57 -30.92 1.96
C GLN D 99 -17.22 -31.25 1.40
N ARG D 100 -16.87 -32.52 1.42
CA ARG D 100 -15.76 -33.03 0.60
C ARG D 100 -16.39 -33.95 -0.41
N ASP D 101 -16.33 -33.58 -1.68
CA ASP D 101 -17.00 -34.35 -2.75
C ASP D 101 -18.46 -34.67 -2.47
N GLY D 102 -19.18 -33.72 -1.90
CA GLY D 102 -20.63 -33.87 -1.75
C GLY D 102 -21.13 -34.59 -0.52
N PHE D 103 -20.22 -34.89 0.41
CA PHE D 103 -20.56 -35.55 1.67
C PHE D 103 -20.32 -34.58 2.83
N ASN D 104 -21.31 -34.43 3.72
CA ASN D 104 -21.10 -33.57 4.89
C ASN D 104 -20.37 -34.34 5.96
N TYR D 105 -19.59 -33.66 6.78
CA TYR D 105 -19.02 -34.29 7.97
C TYR D 105 -20.05 -34.13 9.07
N PRO D 106 -19.93 -34.89 10.17
CA PRO D 106 -20.87 -34.80 11.30
C PRO D 106 -20.94 -33.42 11.96
N MET D 107 -19.81 -32.72 12.04
CA MET D 107 -19.75 -31.41 12.68
C MET D 107 -18.68 -30.48 12.06
N GLU D 108 -18.92 -29.18 12.10
CA GLU D 108 -17.92 -28.22 11.67
C GLU D 108 -17.77 -27.09 12.69
N MET D 109 -16.56 -26.55 12.77
CA MET D 109 -16.28 -25.52 13.74
C MET D 109 -15.67 -24.31 13.03
N HIS D 110 -16.17 -23.13 13.38
CA HIS D 110 -15.77 -21.87 12.74
C HIS D 110 -15.17 -20.87 13.72
N LEU D 111 -13.95 -20.46 13.45
CA LEU D 111 -13.31 -19.39 14.21
C LEU D 111 -13.39 -18.08 13.46
N VAL D 112 -14.14 -17.12 13.98
CA VAL D 112 -14.37 -15.85 13.30
C VAL D 112 -13.43 -14.73 13.74
N HIS D 113 -12.76 -14.10 12.77
CA HIS D 113 -11.84 -13.00 12.99
C HIS D 113 -12.27 -11.72 12.26
N LYS D 114 -11.98 -10.56 12.85
CA LYS D 114 -12.28 -9.28 12.22
C LYS D 114 -11.12 -8.29 12.36
N ASP D 115 -10.80 -7.54 11.32
CA ASP D 115 -9.74 -6.55 11.48
C ASP D 115 -10.35 -5.18 11.77
N GLY D 116 -9.50 -4.16 11.85
CA GLY D 116 -9.92 -2.79 12.14
C GLY D 116 -10.90 -2.21 11.16
N ASP D 117 -10.82 -2.64 9.91
CA ASP D 117 -11.68 -2.10 8.84
C ASP D 117 -13.00 -2.86 8.70
N GLY D 118 -13.17 -3.89 9.51
CA GLY D 118 -14.40 -4.68 9.48
C GLY D 118 -14.28 -5.95 8.64
N ASN D 119 -13.13 -6.15 8.00
CA ASN D 119 -12.88 -7.33 7.17
C ASN D 119 -12.91 -8.63 7.98
N LEU D 120 -13.53 -9.67 7.42
CA LEU D 120 -13.67 -10.97 8.10
C LEU D 120 -12.83 -12.08 7.48
N ALA D 121 -12.24 -12.89 8.35
CA ALA D 121 -11.53 -14.11 7.98
C ALA D 121 -12.03 -15.27 8.86
N VAL D 122 -12.40 -16.40 8.25
CA VAL D 122 -12.89 -17.48 9.10
C VAL D 122 -12.02 -18.72 8.91
N ILE D 123 -11.66 -19.36 10.03
CA ILE D 123 -10.97 -20.64 9.99
C ILE D 123 -11.96 -21.75 10.28
N ALA D 124 -12.06 -22.72 9.37
CA ALA D 124 -12.99 -23.83 9.55
C ALA D 124 -12.25 -25.13 9.85
N ILE D 125 -12.77 -25.84 10.84
CA ILE D 125 -12.24 -27.14 11.22
C ILE D 125 -13.36 -28.17 11.13
N LEU D 126 -13.06 -29.28 10.47
CA LEU D 126 -14.05 -30.34 10.28
C LEU D 126 -13.84 -31.48 11.29
N PHE D 127 -14.95 -32.06 11.77
CA PHE D 127 -14.93 -33.22 12.68
C PHE D 127 -15.35 -34.51 11.98
N GLN D 128 -14.70 -35.63 12.28
CA GLN D 128 -15.25 -36.94 11.87
C GLN D 128 -15.34 -37.86 13.09
N GLU D 129 -16.17 -38.90 13.04
CA GLU D 129 -16.29 -39.80 14.20
C GLU D 129 -15.01 -40.52 14.44
N GLY D 130 -14.70 -40.78 15.70
CA GLY D 130 -13.48 -41.48 16.00
C GLY D 130 -13.16 -41.36 17.47
N GLU D 131 -11.89 -41.05 17.74
CA GLU D 131 -11.40 -40.91 19.09
C GLU D 131 -12.17 -39.80 19.80
N GLU D 132 -12.44 -39.98 21.09
CA GLU D 132 -13.00 -38.89 21.86
C GLU D 132 -12.01 -37.76 22.04
N ASN D 133 -12.54 -36.56 21.88
CA ASN D 133 -11.83 -35.31 21.91
C ASN D 133 -11.84 -34.73 23.32
N GLU D 134 -10.68 -34.66 23.95
CA GLU D 134 -10.58 -34.15 25.31
C GLU D 134 -10.90 -32.66 25.41
N THR D 135 -10.40 -31.86 24.47
CA THR D 135 -10.70 -30.43 24.45
C THR D 135 -12.20 -30.19 24.29
N LEU D 136 -12.84 -30.89 23.35
CA LEU D 136 -14.31 -30.81 23.16
C LEU D 136 -15.03 -31.23 24.42
N ALA D 137 -14.46 -32.21 25.10
CA ALA D 137 -15.04 -32.75 26.32
C ALA D 137 -15.08 -31.71 27.43
N LYS D 138 -14.07 -30.85 27.54
CA LYS D 138 -14.15 -29.72 28.49
C LYS D 138 -15.33 -28.83 28.17
N LEU D 139 -15.42 -28.39 26.92
CA LEU D 139 -16.41 -27.42 26.49
C LEU D 139 -17.83 -27.90 26.79
N MET D 140 -18.09 -29.16 26.51
CA MET D 140 -19.43 -29.68 26.64
C MET D 140 -19.89 -29.80 28.09
N SER D 141 -18.96 -29.87 29.05
CA SER D 141 -19.37 -29.86 30.46
C SER D 141 -20.11 -28.57 30.79
N PHE D 142 -19.89 -27.51 30.03
CA PHE D 142 -20.47 -26.21 30.34
C PHE D 142 -21.49 -25.70 29.32
N LEU D 143 -22.02 -26.61 28.52
CA LEU D 143 -23.14 -26.30 27.63
C LEU D 143 -24.29 -25.67 28.42
N PRO D 144 -24.63 -24.42 28.09
CA PRO D 144 -25.73 -23.74 28.78
C PRO D 144 -27.04 -24.50 28.67
N GLN D 145 -27.80 -24.57 29.76
CA GLN D 145 -29.14 -25.14 29.68
C GLN D 145 -30.22 -24.08 29.39
N THR D 146 -29.83 -22.82 29.35
CA THR D 146 -30.78 -21.73 29.09
C THR D 146 -30.43 -20.98 27.79
N LEU D 147 -31.44 -20.66 26.97
CA LEU D 147 -31.18 -19.90 25.73
C LEU D 147 -30.85 -18.44 25.91
N LYS D 148 -29.84 -18.00 25.17
CA LYS D 148 -29.45 -16.60 25.08
C LYS D 148 -29.00 -15.99 26.42
N LYS D 149 -28.46 -16.82 27.30
CA LYS D 149 -27.74 -16.36 28.51
C LYS D 149 -26.28 -16.14 28.12
N GLN D 150 -25.40 -15.74 29.02
CA GLN D 150 -24.00 -15.60 28.60
C GLN D 150 -23.07 -16.56 29.31
N GLU D 151 -23.45 -17.06 30.48
CA GLU D 151 -22.78 -18.21 31.07
C GLU D 151 -21.25 -18.08 31.15
N ILE D 152 -20.74 -17.32 32.12
CA ILE D 152 -19.29 -17.19 32.28
C ILE D 152 -18.70 -18.20 33.27
N HIS D 153 -17.54 -18.77 32.93
CA HIS D 153 -16.81 -19.64 33.84
C HIS D 153 -15.38 -19.11 33.93
N GLU D 154 -15.15 -18.39 35.02
CA GLU D 154 -13.92 -17.65 35.32
C GLU D 154 -12.69 -18.55 35.35
N SER D 155 -12.89 -19.74 35.92
CA SER D 155 -11.84 -20.70 36.24
C SER D 155 -11.59 -21.76 35.19
N VAL D 156 -12.35 -21.72 34.10
CA VAL D 156 -12.19 -22.68 33.02
C VAL D 156 -11.45 -22.07 31.84
N LYS D 157 -10.27 -22.61 31.53
CA LYS D 157 -9.47 -22.14 30.39
C LYS D 157 -9.34 -23.20 29.28
N ILE D 158 -9.83 -22.87 28.09
CA ILE D 158 -9.73 -23.72 26.91
C ILE D 158 -8.98 -22.97 25.79
N HIS D 159 -7.83 -23.46 25.38
CA HIS D 159 -7.11 -22.83 24.28
C HIS D 159 -7.74 -23.23 22.95
N PRO D 160 -8.22 -22.24 22.19
CA PRO D 160 -8.89 -22.52 20.91
C PRO D 160 -8.02 -23.22 19.85
N ALA D 161 -6.70 -23.04 19.92
CA ALA D 161 -5.84 -23.71 18.95
C ALA D 161 -5.63 -25.21 19.28
N LYS D 162 -6.11 -25.65 20.45
CA LYS D 162 -6.14 -27.08 20.77
C LYS D 162 -7.07 -27.85 19.80
N PHE D 163 -8.03 -27.16 19.18
CA PHE D 163 -8.92 -27.72 18.18
C PHE D 163 -8.31 -27.84 16.76
N PHE D 164 -7.15 -27.25 16.56
CA PHE D 164 -6.52 -27.31 15.25
C PHE D 164 -6.03 -28.72 15.00
N PRO D 165 -6.15 -29.18 13.75
CA PRO D 165 -5.61 -30.50 13.39
C PRO D 165 -4.08 -30.51 13.47
N ALA D 166 -3.48 -31.70 13.51
CA ALA D 166 -2.03 -31.82 13.55
C ALA D 166 -1.43 -31.30 12.25
N ASP D 167 -1.99 -31.75 11.12
CA ASP D 167 -1.70 -31.23 9.79
C ASP D 167 -2.29 -29.83 9.61
N LYS D 168 -1.47 -28.93 9.12
CA LYS D 168 -1.87 -27.54 8.96
C LYS D 168 -2.24 -27.17 7.52
N LYS D 169 -2.26 -28.13 6.61
CA LYS D 169 -2.68 -27.86 5.23
C LYS D 169 -4.12 -27.35 5.22
N PHE D 170 -4.42 -26.38 4.35
CA PHE D 170 -5.78 -25.85 4.27
C PHE D 170 -6.19 -25.45 2.87
N TYR D 171 -7.51 -25.35 2.68
CA TYR D 171 -8.10 -24.81 1.47
C TYR D 171 -8.46 -23.37 1.73
N LYS D 172 -8.27 -22.52 0.73
CA LYS D 172 -8.66 -21.14 0.88
C LYS D 172 -9.46 -20.73 -0.32
N TYR D 173 -10.45 -19.88 -0.07
CA TYR D 173 -11.24 -19.24 -1.11
C TYR D 173 -11.93 -18.00 -0.52
N SER D 174 -12.41 -17.14 -1.42
CA SER D 174 -13.17 -15.97 -1.04
C SER D 174 -14.64 -16.35 -0.95
N GLY D 175 -15.25 -16.10 0.19
CA GLY D 175 -16.63 -16.52 0.42
C GLY D 175 -17.53 -15.55 1.17
N SER D 176 -18.46 -16.10 1.94
CA SER D 176 -19.41 -15.26 2.66
C SER D 176 -19.64 -15.79 4.07
N LEU D 177 -20.44 -15.07 4.85
CA LEU D 177 -21.06 -15.65 6.03
C LEU D 177 -22.03 -16.76 5.63
N THR D 178 -22.20 -17.76 6.49
CA THR D 178 -23.08 -18.89 6.18
C THR D 178 -24.42 -18.70 6.88
N THR D 179 -24.58 -17.55 7.54
CA THR D 179 -25.84 -17.12 8.16
C THR D 179 -26.24 -15.74 7.64
N PRO D 180 -27.54 -15.43 7.68
CA PRO D 180 -27.98 -14.06 7.39
C PRO D 180 -27.18 -13.07 8.25
N PRO D 181 -26.81 -11.90 7.68
CA PRO D 181 -27.12 -11.37 6.34
C PRO D 181 -26.25 -11.92 5.19
N CYS D 182 -25.49 -13.00 5.42
CA CYS D 182 -24.70 -13.66 4.38
C CYS D 182 -23.74 -12.70 3.70
N SER D 183 -23.13 -11.82 4.48
CA SER D 183 -22.19 -10.84 3.93
C SER D 183 -20.99 -11.49 3.22
N GLU D 184 -20.63 -10.95 2.06
CA GLU D 184 -19.50 -11.47 1.29
C GLU D 184 -18.20 -10.75 1.61
N GLY D 185 -17.11 -11.17 1.00
CA GLY D 185 -15.83 -10.57 1.28
C GLY D 185 -15.16 -11.28 2.46
N VAL D 186 -15.57 -12.52 2.72
CA VAL D 186 -15.02 -13.28 3.84
C VAL D 186 -13.87 -14.16 3.34
N TYR D 187 -12.73 -14.05 4.01
CA TYR D 187 -11.56 -14.85 3.72
C TYR D 187 -11.62 -16.20 4.41
N TRP D 188 -11.92 -17.25 3.64
CA TRP D 188 -12.13 -18.58 4.24
C TRP D 188 -10.88 -19.43 4.14
N MET D 189 -10.47 -20.02 5.26
CA MET D 189 -9.49 -21.11 5.24
C MET D 189 -10.09 -22.32 5.96
N VAL D 190 -10.04 -23.46 5.27
CA VAL D 190 -10.63 -24.69 5.79
C VAL D 190 -9.56 -25.77 5.87
N PHE D 191 -9.24 -26.24 7.06
CA PHE D 191 -8.19 -27.27 7.22
C PHE D 191 -8.55 -28.57 6.45
N LYS D 192 -7.61 -29.11 5.69
CA LYS D 192 -7.87 -30.33 4.92
C LYS D 192 -8.14 -31.54 5.81
N GLN D 193 -7.38 -31.67 6.90
CA GLN D 193 -7.48 -32.86 7.77
C GLN D 193 -8.55 -32.66 8.85
N PRO D 194 -9.54 -33.57 8.94
CA PRO D 194 -10.53 -33.41 10.02
C PRO D 194 -9.97 -33.78 11.40
N ILE D 195 -10.51 -33.22 12.47
CA ILE D 195 -10.16 -33.73 13.80
C ILE D 195 -11.28 -34.68 14.22
N GLN D 196 -11.04 -35.42 15.29
CA GLN D 196 -12.02 -36.41 15.68
C GLN D 196 -12.79 -36.07 16.94
N ALA D 197 -14.04 -36.51 16.94
CA ALA D 197 -14.84 -36.57 18.14
C ALA D 197 -15.56 -37.92 18.14
N SER D 198 -15.90 -38.40 19.32
CA SER D 198 -16.58 -39.67 19.52
C SER D 198 -17.99 -39.60 19.00
N VAL D 199 -18.53 -40.77 18.66
CA VAL D 199 -19.90 -40.90 18.18
C VAL D 199 -20.83 -40.25 19.20
N THR D 200 -20.58 -40.58 20.47
CA THR D 200 -21.47 -40.11 21.52
C THR D 200 -21.35 -38.58 21.72
N GLN D 201 -20.14 -38.01 21.59
CA GLN D 201 -19.98 -36.55 21.56
C GLN D 201 -20.76 -35.89 20.39
N LEU D 202 -20.50 -36.35 19.16
CA LEU D 202 -21.16 -35.83 17.96
C LEU D 202 -22.67 -35.92 18.10
N GLU D 203 -23.16 -37.05 18.61
CA GLU D 203 -24.62 -37.16 18.82
C GLU D 203 -25.18 -36.12 19.77
N LYS D 204 -24.49 -35.88 20.88
CA LYS D 204 -24.97 -34.89 21.83
C LYS D 204 -24.95 -33.50 21.21
N MET D 205 -23.90 -33.16 20.48
CA MET D 205 -23.85 -31.84 19.84
C MET D 205 -25.02 -31.62 18.87
N HIS D 206 -25.34 -32.64 18.07
CA HIS D 206 -26.45 -32.56 17.10
C HIS D 206 -27.81 -32.42 17.84
N GLU D 207 -28.00 -33.19 18.91
CA GLU D 207 -29.24 -33.13 19.69
C GLU D 207 -29.37 -31.74 20.32
N TYR D 208 -28.27 -31.21 20.81
CA TYR D 208 -28.19 -29.86 21.41
C TYR D 208 -28.41 -28.74 20.42
N LEU D 209 -27.64 -28.75 19.32
CA LEU D 209 -27.74 -27.73 18.26
C LEU D 209 -28.94 -27.89 17.34
N GLY D 210 -29.38 -29.13 17.10
CA GLY D 210 -30.33 -29.40 16.05
C GLY D 210 -29.56 -29.38 14.74
N SER D 211 -30.27 -29.32 13.63
CA SER D 211 -29.60 -29.20 12.33
C SER D 211 -29.44 -27.72 11.98
N ASN D 212 -28.22 -27.21 12.05
CA ASN D 212 -27.98 -25.77 11.83
C ASN D 212 -26.96 -25.46 10.72
N ALA D 213 -26.97 -26.26 9.66
CA ALA D 213 -26.10 -26.06 8.51
C ALA D 213 -26.84 -25.54 7.30
N ARG D 214 -26.24 -24.55 6.66
CA ARG D 214 -26.73 -24.03 5.38
C ARG D 214 -26.30 -24.97 4.26
N PRO D 215 -27.19 -25.20 3.27
CA PRO D 215 -26.83 -25.95 2.07
C PRO D 215 -25.65 -25.32 1.31
N VAL D 216 -24.92 -26.18 0.63
CA VAL D 216 -23.78 -25.79 -0.17
C VAL D 216 -24.19 -24.82 -1.31
N GLN D 217 -23.37 -23.81 -1.57
CA GLN D 217 -23.67 -22.78 -2.58
C GLN D 217 -22.79 -22.91 -3.84
N ARG D 218 -23.24 -22.35 -4.97
CA ARG D 218 -22.49 -22.50 -6.23
C ARG D 218 -21.13 -21.81 -6.17
N GLN D 219 -20.12 -22.55 -6.61
CA GLN D 219 -18.77 -22.06 -6.64
C GLN D 219 -18.65 -20.91 -7.62
N ASN D 220 -19.40 -21.03 -8.73
CA ASN D 220 -19.40 -20.04 -9.81
C ASN D 220 -17.99 -19.79 -10.37
N ALA D 221 -17.54 -18.54 -10.37
CA ALA D 221 -16.26 -18.19 -10.98
C ALA D 221 -15.05 -18.39 -10.04
N ARG D 222 -15.28 -18.92 -8.85
CA ARG D 222 -14.20 -19.01 -7.88
C ARG D 222 -13.30 -20.22 -8.08
N THR D 223 -12.04 -20.01 -7.79
CA THR D 223 -11.07 -21.09 -7.75
C THR D 223 -10.81 -21.51 -6.33
N LEU D 224 -10.88 -22.82 -6.07
CA LEU D 224 -10.55 -23.37 -4.76
C LEU D 224 -9.06 -23.59 -4.68
N LEU D 225 -8.40 -22.96 -3.70
CA LEU D 225 -6.93 -23.06 -3.56
C LEU D 225 -6.47 -24.04 -2.50
N LYS D 226 -5.37 -24.74 -2.78
CA LYS D 226 -4.70 -25.51 -1.74
C LYS D 226 -3.55 -24.68 -1.23
N SER D 227 -3.22 -24.83 0.06
CA SER D 227 -2.13 -24.05 0.64
C SER D 227 -0.76 -24.67 0.36
N TRP D 228 -0.76 -25.78 -0.40
CA TRP D 228 0.46 -26.49 -0.77
C TRP D 228 0.49 -26.71 -2.28
N PRO D 229 1.68 -26.98 -2.85
CA PRO D 229 1.79 -27.26 -4.30
C PRO D 229 1.44 -28.67 -4.76
N ASP D 230 1.12 -28.77 -6.06
CA ASP D 230 0.79 -30.03 -6.73
C ASP D 230 2.04 -30.73 -7.20
ZN ZN E . 11.32 20.37 -12.07
C BCT F . 9.77 19.03 -9.73
O1 BCT F . 9.26 19.33 -8.66
O2 BCT F . 10.09 17.96 -10.23
O3 BCT F . 10.00 20.16 -10.61
ZN ZN G . 11.01 11.63 23.19
C BCT H . 10.74 13.72 21.22
O1 BCT H . 10.52 14.22 20.12
O2 BCT H . 10.05 13.11 22.04
O3 BCT H . 12.12 13.81 21.61
ZN ZN I . -15.05 -4.25 -20.86
C BCT J . -16.76 -6.01 -19.56
O1 BCT J . -16.76 -4.80 -19.68
O2 BCT J . -16.16 -6.90 -20.14
O3 BCT J . -17.04 -6.40 -18.22
ZN ZN K . -20.43 -20.71 11.21
C BCT L . -20.40 -18.22 9.87
O1 BCT L . -20.39 -17.63 8.79
O2 BCT L . -21.06 -19.16 10.30
O3 BCT L . -19.14 -18.11 10.53
#